data_1P6B
#
_entry.id   1P6B
#
_cell.length_a   130.400
_cell.length_b   91.900
_cell.length_c   69.700
_cell.angle_alpha   90.00
_cell.angle_beta   90.90
_cell.angle_gamma   90.00
#
_symmetry.space_group_name_H-M   'C 1 2 1'
#
loop_
_entity.id
_entity.type
_entity.pdbx_description
1 polymer 'Parathion hydrolase'
2 non-polymer 'ZINC ION'
3 non-polymer 'DIETHYL 4-METHYLBENZYLPHOSPHONATE'
4 non-polymer 'ETHYL DIHYDROGEN PHOSPHATE'
5 water water
#
_entity_poly.entity_id   1
_entity_poly.type   'polypeptide(L)'
_entity_poly.pdbx_seq_one_letter_code
;SIGTGDRINTVRGPITISEAGFTLTHEHICGSSAGFLRAWPEFFGSRKALAEKAVRGLRRARAAGVRTIVDVSTFDIGRD
VSLLAEVSRAADVHIVAATGLWFDPPLSMRLRSVEELTQFFLREIQYGIEDTGIRAGII(KCX)VATTGKATPFQELVLK
AAARASLATGVPVTTHTAASQRDGEQQAAIFESEGLSPSRVCIGHSDDTDDLSYLTALAARGYLIGLDGIPWSAIGLEDN
ASASALLGIRSWQTRALLIKALIDQGYMKQILVSNDWTFGFSSYVTNIMDVMDRVNPDGMAFIPLRVIPFLREKGVPQET
LAGITVTNPARFLSPTLRAS
;
_entity_poly.pdbx_strand_id   A,B
#
# COMPACT_ATOMS: atom_id res chain seq x y z
N GLY A 5 22.14 -9.64 21.10
CA GLY A 5 22.53 -11.04 20.91
C GLY A 5 22.08 -11.99 22.04
N ASP A 6 22.12 -11.49 23.27
CA ASP A 6 21.70 -12.25 24.45
C ASP A 6 20.22 -11.99 24.69
N ARG A 7 19.77 -10.97 23.95
CA ARG A 7 18.43 -10.44 23.97
C ARG A 7 17.74 -10.48 22.62
N ILE A 8 16.43 -10.53 22.70
CA ILE A 8 15.55 -10.53 21.55
C ILE A 8 14.70 -9.26 21.62
N ASN A 9 14.54 -8.61 20.44
CA ASN A 9 13.75 -7.38 20.32
C ASN A 9 12.26 -7.65 20.21
N THR A 10 11.53 -7.03 21.13
CA THR A 10 10.08 -7.12 21.16
C THR A 10 9.52 -5.71 21.02
N VAL A 11 8.21 -5.63 20.86
CA VAL A 11 7.60 -4.32 20.70
C VAL A 11 7.60 -3.58 22.00
N ARG A 12 7.94 -4.26 23.14
CA ARG A 12 8.02 -3.55 24.39
C ARG A 12 9.48 -3.33 24.77
N GLY A 13 10.37 -3.80 23.91
CA GLY A 13 11.79 -3.67 24.19
C GLY A 13 12.46 -5.04 24.15
N PRO A 14 13.74 -5.06 24.52
CA PRO A 14 14.52 -6.30 24.53
C PRO A 14 14.19 -7.20 25.73
N ILE A 15 14.24 -8.49 25.49
CA ILE A 15 14.03 -9.48 26.54
C ILE A 15 15.16 -10.49 26.42
N THR A 16 15.33 -11.23 27.50
CA THR A 16 16.34 -12.25 27.50
C THR A 16 15.70 -13.45 26.90
N ILE A 17 16.58 -14.24 26.36
CA ILE A 17 16.20 -15.44 25.74
C ILE A 17 15.36 -16.40 26.62
N SER A 18 15.62 -16.40 27.94
CA SER A 18 14.87 -17.27 28.84
C SER A 18 13.47 -16.74 29.13
N GLU A 19 13.29 -15.43 28.85
CA GLU A 19 12.02 -14.77 29.02
C GLU A 19 11.02 -15.16 27.92
N ALA A 20 11.47 -15.65 26.75
CA ALA A 20 10.53 -16.03 25.66
C ALA A 20 9.55 -17.19 25.99
N GLY A 21 10.05 -18.23 26.69
CA GLY A 21 9.25 -19.41 27.03
C GLY A 21 8.60 -20.00 25.78
N PHE A 22 7.41 -20.53 25.96
CA PHE A 22 6.62 -21.11 24.89
C PHE A 22 6.36 -20.07 23.76
N THR A 23 6.88 -20.29 22.56
CA THR A 23 6.68 -19.29 21.49
C THR A 23 5.96 -19.81 20.22
N LEU A 24 4.97 -19.03 19.71
CA LEU A 24 4.23 -19.33 18.46
C LEU A 24 5.02 -18.59 17.40
N THR A 25 5.59 -19.28 16.41
CA THR A 25 6.45 -18.64 15.44
C THR A 25 5.92 -17.98 14.17
N HIS A 26 4.63 -18.12 13.83
CA HIS A 26 4.03 -17.56 12.64
C HIS A 26 2.54 -17.27 12.90
N GLU A 27 2.31 -16.02 13.25
CA GLU A 27 0.96 -15.56 13.56
C GLU A 27 0.86 -14.11 13.09
N HIS A 28 -0.33 -13.53 13.25
CA HIS A 28 -0.64 -12.15 12.89
C HIS A 28 -1.68 -11.56 13.83
N ILE A 29 -1.57 -10.29 14.08
CA ILE A 29 -2.61 -9.68 14.90
C ILE A 29 -3.70 -9.31 13.87
N CYS A 30 -3.24 -8.75 12.75
CA CYS A 30 -4.13 -8.36 11.64
C CYS A 30 -3.48 -8.60 10.28
N GLY A 31 -4.23 -9.17 9.32
CA GLY A 31 -3.75 -9.43 7.95
C GLY A 31 -4.40 -8.38 7.04
N SER A 32 -3.68 -7.33 6.68
CA SER A 32 -4.30 -6.24 5.93
C SER A 32 -3.41 -5.75 4.81
N SER A 33 -3.35 -4.41 4.59
CA SER A 33 -2.54 -3.82 3.53
C SER A 33 -1.95 -2.50 4.08
N ALA A 34 -0.78 -2.06 3.57
CA ALA A 34 -0.19 -0.81 4.08
C ALA A 34 -1.19 0.34 4.03
N GLY A 35 -1.21 1.09 5.15
CA GLY A 35 -2.08 2.25 5.41
C GLY A 35 -3.58 1.94 5.51
N PHE A 36 -3.98 0.69 5.27
CA PHE A 36 -5.41 0.33 5.29
C PHE A 36 -6.15 0.58 6.60
N LEU A 37 -5.54 0.07 7.68
CA LEU A 37 -6.06 0.20 9.02
C LEU A 37 -6.23 1.67 9.42
N ARG A 38 -5.34 2.56 8.95
CA ARG A 38 -5.49 3.98 9.30
C ARG A 38 -6.56 4.67 8.42
N ALA A 39 -6.66 4.24 7.17
CA ALA A 39 -7.62 4.83 6.26
C ALA A 39 -9.05 4.31 6.41
N TRP A 40 -9.24 3.02 6.74
CA TRP A 40 -10.59 2.52 6.81
C TRP A 40 -10.78 1.53 7.95
N PRO A 41 -10.65 2.05 9.19
CA PRO A 41 -10.77 1.23 10.40
C PRO A 41 -12.12 0.50 10.56
N GLU A 42 -13.16 1.16 10.13
CA GLU A 42 -14.50 0.63 10.21
C GLU A 42 -14.61 -0.64 9.42
N PHE A 43 -13.67 -0.92 8.55
CA PHE A 43 -13.86 -2.17 7.84
C PHE A 43 -13.80 -3.37 8.81
N PHE A 44 -13.18 -3.12 9.97
CA PHE A 44 -13.02 -4.11 11.03
C PHE A 44 -13.93 -3.76 12.19
N GLY A 45 -14.98 -3.00 11.95
CA GLY A 45 -15.81 -2.59 13.06
C GLY A 45 -15.32 -1.23 13.45
N SER A 46 -14.11 -1.25 14.01
CA SER A 46 -13.40 -0.07 14.42
C SER A 46 -12.03 -0.48 14.95
N ARG A 47 -11.12 0.49 15.14
CA ARG A 47 -9.79 0.18 15.67
C ARG A 47 -9.86 -0.40 17.10
N LYS A 48 -10.72 0.18 17.93
CA LYS A 48 -10.89 -0.33 19.31
C LYS A 48 -11.40 -1.75 19.31
N ALA A 49 -12.33 -2.01 18.43
CA ALA A 49 -12.89 -3.32 18.41
C ALA A 49 -11.88 -4.35 18.02
N LEU A 50 -11.09 -4.06 16.99
CA LEU A 50 -10.10 -5.04 16.54
C LEU A 50 -9.12 -5.25 17.69
N ALA A 51 -8.79 -4.14 18.36
CA ALA A 51 -7.88 -4.20 19.50
C ALA A 51 -8.41 -5.09 20.64
N GLU A 52 -9.68 -4.89 21.00
CA GLU A 52 -10.23 -5.73 22.04
C GLU A 52 -10.30 -7.19 21.65
N LYS A 53 -10.64 -7.46 20.40
CA LYS A 53 -10.71 -8.81 19.90
C LYS A 53 -9.39 -9.55 20.05
N ALA A 54 -8.33 -8.84 19.68
CA ALA A 54 -6.96 -9.34 19.77
C ALA A 54 -6.47 -9.60 21.20
N VAL A 55 -6.74 -8.64 22.11
CA VAL A 55 -6.34 -8.77 23.50
C VAL A 55 -7.02 -10.02 24.12
N ARG A 56 -8.32 -10.17 23.85
CA ARG A 56 -9.03 -11.33 24.36
C ARG A 56 -8.43 -12.62 23.88
N GLY A 57 -8.18 -12.69 22.60
CA GLY A 57 -7.59 -13.86 22.01
C GLY A 57 -6.18 -14.12 22.52
N LEU A 58 -5.40 -13.07 22.73
CA LEU A 58 -4.05 -13.24 23.26
C LEU A 58 -4.11 -13.69 24.74
N ARG A 59 -5.08 -13.16 25.50
CA ARG A 59 -5.20 -13.55 26.89
C ARG A 59 -5.48 -15.06 27.07
N ARG A 60 -6.28 -15.59 26.14
CA ARG A 60 -6.68 -16.99 26.09
C ARG A 60 -5.52 -17.87 25.71
N ALA A 61 -4.73 -17.42 24.76
CA ALA A 61 -3.57 -18.21 24.41
C ALA A 61 -2.58 -18.21 25.61
N ARG A 62 -2.45 -17.06 26.26
CA ARG A 62 -1.58 -16.92 27.42
C ARG A 62 -2.03 -17.86 28.53
N ALA A 63 -3.33 -18.03 28.67
CA ALA A 63 -3.80 -18.93 29.71
C ALA A 63 -3.40 -20.38 29.38
N ALA A 64 -3.27 -20.69 28.09
CA ALA A 64 -2.88 -22.01 27.66
C ALA A 64 -1.39 -22.24 27.76
N GLY A 65 -0.65 -21.17 28.09
CA GLY A 65 0.80 -21.29 28.26
C GLY A 65 1.68 -20.50 27.28
N VAL A 66 1.05 -19.87 26.29
CA VAL A 66 1.79 -19.09 25.32
C VAL A 66 2.34 -17.81 25.95
N ARG A 67 3.65 -17.60 25.82
CA ARG A 67 4.27 -16.43 26.40
C ARG A 67 4.73 -15.45 25.32
N THR A 68 5.04 -15.94 24.12
CA THR A 68 5.53 -15.08 23.04
C THR A 68 4.96 -15.48 21.68
N ILE A 69 4.68 -14.47 20.88
CA ILE A 69 4.23 -14.70 19.53
C ILE A 69 5.07 -13.85 18.60
N VAL A 70 5.39 -14.41 17.45
CA VAL A 70 6.10 -13.67 16.44
C VAL A 70 5.04 -13.22 15.41
N ASP A 71 4.81 -11.92 15.31
CA ASP A 71 3.84 -11.45 14.35
C ASP A 71 4.61 -11.22 13.08
N VAL A 72 4.43 -12.11 12.07
CA VAL A 72 5.12 -12.03 10.80
C VAL A 72 4.52 -11.08 9.74
N SER A 73 3.83 -10.02 10.16
CA SER A 73 3.21 -9.04 9.25
C SER A 73 4.28 -8.01 8.83
N THR A 74 4.48 -7.87 7.52
CA THR A 74 5.45 -6.94 6.95
C THR A 74 4.75 -5.65 6.61
N PHE A 75 5.53 -4.70 6.14
CA PHE A 75 4.95 -3.46 5.71
C PHE A 75 3.68 -3.67 4.85
N ASP A 76 3.79 -4.52 3.79
CA ASP A 76 2.74 -4.83 2.82
C ASP A 76 1.61 -5.69 3.36
N ILE A 77 1.79 -6.18 4.58
CA ILE A 77 0.76 -6.94 5.29
C ILE A 77 -0.01 -5.89 6.11
N GLY A 78 0.42 -4.64 6.01
CA GLY A 78 -0.27 -3.57 6.71
C GLY A 78 0.06 -3.51 8.20
N ARG A 79 1.20 -4.08 8.56
CA ARG A 79 1.68 -4.11 9.96
C ARG A 79 1.58 -2.71 10.58
N ASP A 80 1.01 -2.63 11.77
CA ASP A 80 0.81 -1.40 12.51
C ASP A 80 1.40 -1.64 13.89
N VAL A 81 2.66 -1.25 14.00
CA VAL A 81 3.45 -1.41 15.23
C VAL A 81 2.83 -0.76 16.45
N SER A 82 2.23 0.39 16.27
CA SER A 82 1.61 0.99 17.45
C SER A 82 0.52 0.07 18.01
N LEU A 83 -0.23 -0.59 17.12
CA LEU A 83 -1.29 -1.52 17.47
C LEU A 83 -0.64 -2.72 18.16
N LEU A 84 0.47 -3.20 17.62
CA LEU A 84 1.15 -4.35 18.23
C LEU A 84 1.60 -4.01 19.67
N ALA A 85 2.18 -2.83 19.87
CA ALA A 85 2.64 -2.42 21.20
C ALA A 85 1.50 -2.30 22.19
N GLU A 86 0.42 -1.75 21.74
CA GLU A 86 -0.73 -1.60 22.60
C GLU A 86 -1.39 -2.93 23.07
N VAL A 87 -1.56 -3.93 22.16
CA VAL A 87 -2.16 -5.20 22.58
C VAL A 87 -1.19 -6.05 23.37
N SER A 88 0.09 -5.88 23.08
CA SER A 88 1.13 -6.61 23.80
C SER A 88 1.12 -6.23 25.28
N ARG A 89 1.03 -4.91 25.52
CA ARG A 89 1.01 -4.35 26.88
C ARG A 89 -0.24 -4.76 27.63
N ALA A 90 -1.36 -4.74 26.92
CA ALA A 90 -2.65 -5.09 27.51
C ALA A 90 -2.84 -6.57 27.81
N ALA A 91 -2.44 -7.46 26.90
CA ALA A 91 -2.58 -8.94 27.08
C ALA A 91 -1.41 -9.55 27.85
N ASP A 92 -0.33 -8.76 27.97
CA ASP A 92 0.91 -9.14 28.64
C ASP A 92 1.49 -10.37 27.94
N VAL A 93 1.68 -10.17 26.66
CA VAL A 93 2.23 -11.21 25.83
C VAL A 93 3.36 -10.55 25.04
N HIS A 94 4.51 -11.20 24.95
CA HIS A 94 5.57 -10.57 24.19
C HIS A 94 5.26 -10.77 22.70
N ILE A 95 5.54 -9.73 21.91
CA ILE A 95 5.31 -9.81 20.47
C ILE A 95 6.58 -9.34 19.74
N VAL A 96 7.06 -10.21 18.85
CA VAL A 96 8.23 -9.94 18.02
C VAL A 96 7.69 -9.43 16.69
N ALA A 97 8.15 -8.23 16.28
CA ALA A 97 7.72 -7.60 15.03
C ALA A 97 8.69 -7.98 13.91
N ALA A 98 8.19 -7.90 12.69
CA ALA A 98 8.96 -8.25 11.52
C ALA A 98 9.19 -7.15 10.52
N THR A 99 10.23 -7.40 9.73
CA THR A 99 10.56 -6.56 8.60
C THR A 99 10.46 -7.52 7.39
N GLY A 100 10.83 -7.02 6.21
CA GLY A 100 10.77 -7.86 4.99
C GLY A 100 9.59 -7.45 4.11
N LEU A 101 9.24 -8.30 3.12
CA LEU A 101 8.14 -7.99 2.21
C LEU A 101 7.39 -9.24 1.86
N TRP A 102 6.06 -9.15 1.78
CA TRP A 102 5.20 -10.27 1.43
C TRP A 102 4.91 -10.28 -0.05
N PHE A 103 3.74 -10.72 -0.53
CA PHE A 103 3.60 -10.67 -1.97
C PHE A 103 2.69 -9.58 -2.53
N ASP A 104 2.51 -8.49 -1.80
CA ASP A 104 1.68 -7.40 -2.31
C ASP A 104 2.35 -6.05 -2.15
N PRO A 105 3.63 -5.93 -2.52
CA PRO A 105 4.37 -4.66 -2.44
C PRO A 105 3.88 -3.62 -3.41
N PRO A 106 3.80 -2.33 -3.01
CA PRO A 106 3.35 -1.27 -3.91
C PRO A 106 4.49 -0.90 -4.85
N LEU A 107 4.23 0.05 -5.75
CA LEU A 107 5.22 0.53 -6.70
C LEU A 107 6.46 1.11 -6.04
N SER A 108 6.32 1.84 -4.95
CA SER A 108 7.47 2.44 -4.30
C SER A 108 8.48 1.42 -3.82
N MET A 109 8.03 0.18 -3.62
CA MET A 109 8.94 -0.91 -3.19
C MET A 109 9.41 -1.74 -4.38
N ARG A 110 8.50 -2.10 -5.32
CA ARG A 110 8.81 -2.92 -6.51
C ARG A 110 9.87 -2.34 -7.40
N LEU A 111 10.03 -1.02 -7.36
CA LEU A 111 11.02 -0.35 -8.19
C LEU A 111 12.36 -0.19 -7.47
N ARG A 112 12.51 -0.72 -6.24
CA ARG A 112 13.78 -0.56 -5.53
C ARG A 112 14.78 -1.62 -5.92
N SER A 113 16.07 -1.30 -5.71
CA SER A 113 17.21 -2.19 -5.98
C SER A 113 17.51 -3.02 -4.75
N VAL A 114 18.34 -4.05 -4.95
CA VAL A 114 18.69 -4.88 -3.82
C VAL A 114 19.40 -4.04 -2.77
N GLU A 115 20.18 -3.06 -3.26
CA GLU A 115 20.88 -2.23 -2.29
C GLU A 115 19.94 -1.37 -1.45
N GLU A 116 18.91 -0.80 -2.08
CA GLU A 116 17.95 0.02 -1.39
C GLU A 116 17.11 -0.86 -0.48
N LEU A 117 16.68 -1.98 -0.99
CA LEU A 117 15.91 -2.85 -0.14
C LEU A 117 16.73 -3.26 1.10
N THR A 118 18.04 -3.51 0.92
CA THR A 118 18.86 -3.90 2.07
C THR A 118 18.80 -2.82 3.17
N GLN A 119 18.89 -1.56 2.73
CA GLN A 119 18.85 -0.40 3.62
C GLN A 119 17.54 -0.27 4.41
N PHE A 120 16.44 -0.56 3.74
CA PHE A 120 15.13 -0.50 4.35
C PHE A 120 15.05 -1.56 5.45
N PHE A 121 15.42 -2.81 5.15
CA PHE A 121 15.36 -3.86 6.19
C PHE A 121 16.27 -3.50 7.34
N LEU A 122 17.46 -2.98 7.00
CA LEU A 122 18.35 -2.57 8.10
C LEU A 122 17.77 -1.45 8.95
N ARG A 123 17.09 -0.51 8.31
CA ARG A 123 16.49 0.58 9.05
C ARG A 123 15.52 0.06 10.11
N GLU A 124 14.63 -0.84 9.67
CA GLU A 124 13.63 -1.40 10.58
C GLU A 124 14.20 -2.20 11.73
N ILE A 125 15.30 -2.90 11.45
CA ILE A 125 15.95 -3.71 12.48
C ILE A 125 16.83 -2.91 13.40
N GLN A 126 17.56 -1.92 12.87
CA GLN A 126 18.51 -1.14 13.68
C GLN A 126 18.01 0.20 14.23
N TYR A 127 17.33 0.98 13.42
CA TYR A 127 16.85 2.29 13.86
C TYR A 127 15.47 2.14 14.48
N GLY A 128 14.63 1.31 13.87
CA GLY A 128 13.28 1.12 14.38
C GLY A 128 12.25 1.31 13.26
N ILE A 129 11.04 0.85 13.55
CA ILE A 129 9.91 0.91 12.63
C ILE A 129 9.30 2.32 12.67
N GLU A 130 9.21 2.96 11.49
CA GLU A 130 8.72 4.33 11.46
C GLU A 130 9.48 5.21 12.42
N ASP A 131 8.76 5.94 13.28
CA ASP A 131 9.49 6.79 14.21
C ASP A 131 9.35 6.34 15.64
N THR A 132 8.96 5.07 15.80
CA THR A 132 8.75 4.53 17.12
C THR A 132 9.99 4.07 17.84
N GLY A 133 11.07 3.81 17.14
CA GLY A 133 12.19 3.29 17.90
C GLY A 133 11.99 1.78 18.19
N ILE A 134 10.87 1.21 17.75
CA ILE A 134 10.61 -0.22 17.97
C ILE A 134 11.38 -1.03 16.95
N ARG A 135 12.21 -1.96 17.38
CA ARG A 135 12.99 -2.72 16.41
C ARG A 135 12.44 -4.09 16.03
N ALA A 136 12.66 -4.50 14.76
CA ALA A 136 12.19 -5.80 14.25
C ALA A 136 13.12 -6.94 14.69
N GLY A 137 12.53 -8.10 15.01
CA GLY A 137 13.32 -9.24 15.44
C GLY A 137 13.36 -10.39 14.42
N ILE A 138 12.80 -10.18 13.25
CA ILE A 138 12.78 -11.21 12.20
C ILE A 138 12.54 -10.59 10.84
N ILE A 139 12.92 -11.31 9.77
CA ILE A 139 12.72 -10.88 8.38
C ILE A 139 11.78 -11.86 7.69
N VAL A 141 9.88 -13.09 4.22
CA VAL A 141 9.91 -12.98 2.75
C VAL A 141 8.94 -14.01 2.12
N ALA A 142 8.68 -13.89 0.81
CA ALA A 142 7.78 -14.79 0.07
C ALA A 142 8.02 -14.99 -1.42
N THR A 143 7.67 -16.19 -1.91
CA THR A 143 7.65 -16.61 -3.32
C THR A 143 6.24 -17.20 -3.48
N THR A 144 5.68 -17.19 -4.69
CA THR A 144 4.33 -17.72 -4.95
C THR A 144 4.44 -18.72 -6.11
N GLY A 145 5.27 -19.72 -5.88
CA GLY A 145 5.61 -20.72 -6.84
C GLY A 145 6.94 -20.20 -7.40
N LYS A 146 7.15 -20.34 -8.70
CA LYS A 146 8.39 -19.88 -9.27
C LYS A 146 8.65 -18.39 -9.02
N ALA A 147 9.81 -18.09 -8.45
CA ALA A 147 10.18 -16.73 -8.10
C ALA A 147 10.19 -15.75 -9.25
N THR A 148 9.68 -14.54 -8.98
CA THR A 148 9.71 -13.47 -9.96
C THR A 148 11.06 -12.77 -9.74
N PRO A 149 11.46 -11.96 -10.70
CA PRO A 149 12.71 -11.25 -10.58
C PRO A 149 12.74 -10.35 -9.34
N PHE A 150 11.63 -9.75 -8.99
CA PHE A 150 11.60 -8.91 -7.80
C PHE A 150 11.73 -9.80 -6.58
N GLN A 151 10.97 -10.89 -6.54
CA GLN A 151 11.05 -11.78 -5.39
C GLN A 151 12.47 -12.19 -5.12
N GLU A 152 13.21 -12.46 -6.22
CA GLU A 152 14.60 -12.84 -6.13
C GLU A 152 15.42 -11.83 -5.40
N LEU A 153 15.21 -10.54 -5.77
CA LEU A 153 15.88 -9.42 -5.15
C LEU A 153 15.60 -9.35 -3.66
N VAL A 154 14.33 -9.56 -3.31
CA VAL A 154 13.87 -9.53 -1.90
C VAL A 154 14.60 -10.56 -1.03
N LEU A 155 14.72 -11.78 -1.57
CA LEU A 155 15.39 -12.88 -0.90
C LEU A 155 16.87 -12.52 -0.63
N LYS A 156 17.54 -11.91 -1.65
CA LYS A 156 18.94 -11.52 -1.53
C LYS A 156 19.16 -10.44 -0.48
N ALA A 157 18.28 -9.45 -0.44
CA ALA A 157 18.38 -8.35 0.53
C ALA A 157 18.05 -8.88 1.93
N ALA A 158 17.10 -9.83 2.03
CA ALA A 158 16.76 -10.43 3.32
C ALA A 158 18.01 -11.12 3.83
N ALA A 159 18.65 -11.88 2.94
CA ALA A 159 19.87 -12.57 3.30
C ALA A 159 20.99 -11.61 3.77
N ARG A 160 21.21 -10.49 3.06
CA ARG A 160 22.27 -9.56 3.48
C ARG A 160 21.98 -8.86 4.79
N ALA A 161 20.74 -8.54 5.03
CA ALA A 161 20.44 -7.87 6.30
C ALA A 161 20.62 -8.84 7.45
N SER A 162 20.30 -10.14 7.23
CA SER A 162 20.42 -11.19 8.25
C SER A 162 21.88 -11.36 8.70
N LEU A 163 22.76 -11.39 7.69
CA LEU A 163 24.21 -11.52 7.86
C LEU A 163 24.82 -10.42 8.70
N ALA A 164 24.36 -9.20 8.42
CA ALA A 164 24.84 -8.01 9.13
C ALA A 164 24.31 -7.87 10.56
N THR A 165 23.09 -8.36 10.80
CA THR A 165 22.45 -8.23 12.13
C THR A 165 22.32 -9.48 12.99
N GLY A 166 22.27 -10.66 12.39
CA GLY A 166 22.15 -11.87 13.15
C GLY A 166 20.71 -12.33 13.27
N VAL A 167 19.80 -11.48 12.80
CA VAL A 167 18.35 -11.71 12.80
C VAL A 167 17.90 -12.81 11.83
N PRO A 168 17.01 -13.71 12.25
CA PRO A 168 16.59 -14.80 11.37
C PRO A 168 15.65 -14.44 10.23
N VAL A 169 15.49 -15.39 9.28
CA VAL A 169 14.61 -15.19 8.14
C VAL A 169 13.48 -16.22 8.09
N THR A 170 12.24 -15.78 7.90
CA THR A 170 11.12 -16.74 7.83
C THR A 170 10.42 -16.57 6.49
N THR A 171 9.99 -17.67 5.86
CA THR A 171 9.37 -17.52 4.54
C THR A 171 7.95 -18.06 4.34
N HIS A 172 7.32 -17.51 3.31
CA HIS A 172 5.99 -17.92 2.85
C HIS A 172 6.31 -18.76 1.56
N THR A 173 5.73 -19.96 1.40
CA THR A 173 6.02 -20.75 0.19
C THR A 173 4.74 -21.31 -0.36
N ALA A 174 4.83 -21.77 -1.59
CA ALA A 174 3.73 -22.48 -2.24
C ALA A 174 4.28 -23.89 -2.15
N ALA A 175 4.08 -24.49 -0.96
CA ALA A 175 4.56 -25.81 -0.53
C ALA A 175 4.47 -26.84 -1.60
N SER A 176 3.27 -26.88 -2.14
CA SER A 176 2.92 -27.80 -3.19
C SER A 176 3.92 -27.78 -4.35
N GLN A 177 4.37 -26.58 -4.71
CA GLN A 177 5.31 -26.49 -5.79
C GLN A 177 6.76 -26.52 -5.39
N ARG A 178 7.04 -27.02 -4.18
CA ARG A 178 8.38 -27.13 -3.66
C ARG A 178 9.19 -25.84 -3.67
N ASP A 179 8.51 -24.70 -3.46
CA ASP A 179 9.19 -23.39 -3.42
C ASP A 179 10.42 -23.42 -2.54
N GLY A 180 10.34 -24.18 -1.47
CA GLY A 180 11.43 -24.25 -0.53
C GLY A 180 12.77 -24.48 -1.19
N GLU A 181 12.75 -25.29 -2.24
CA GLU A 181 13.99 -25.60 -2.95
C GLU A 181 14.66 -24.37 -3.58
N GLN A 182 13.87 -23.55 -4.27
CA GLN A 182 14.43 -22.36 -4.88
C GLN A 182 14.88 -21.33 -3.84
N GLN A 183 14.16 -21.22 -2.73
CA GLN A 183 14.56 -20.27 -1.74
C GLN A 183 15.89 -20.63 -1.13
N ALA A 184 16.05 -21.95 -0.85
CA ALA A 184 17.27 -22.47 -0.27
C ALA A 184 18.49 -22.15 -1.12
N ALA A 185 18.26 -22.30 -2.41
CA ALA A 185 19.28 -22.05 -3.40
C ALA A 185 19.76 -20.61 -3.33
N ILE A 186 18.82 -19.67 -3.31
CA ILE A 186 19.24 -18.26 -3.25
C ILE A 186 19.93 -17.86 -1.97
N PHE A 187 19.41 -18.33 -0.86
CA PHE A 187 19.96 -18.00 0.43
C PHE A 187 21.36 -18.55 0.52
N GLU A 188 21.54 -19.75 0.01
CA GLU A 188 22.87 -20.33 0.10
C GLU A 188 23.87 -19.56 -0.77
N SER A 189 23.40 -19.08 -1.91
CA SER A 189 24.24 -18.33 -2.83
C SER A 189 24.67 -16.97 -2.23
N GLU A 190 23.98 -16.54 -1.13
CA GLU A 190 24.30 -15.28 -0.45
C GLU A 190 25.19 -15.54 0.77
N GLY A 191 25.39 -16.82 1.05
CA GLY A 191 26.23 -17.28 2.15
C GLY A 191 25.46 -17.42 3.47
N LEU A 192 24.12 -17.43 3.43
CA LEU A 192 23.38 -17.51 4.68
C LEU A 192 23.28 -18.99 5.12
N SER A 193 23.46 -19.22 6.42
CA SER A 193 23.37 -20.57 6.99
C SER A 193 21.89 -21.03 7.10
N PRO A 194 21.56 -22.25 6.62
CA PRO A 194 20.18 -22.74 6.68
C PRO A 194 19.64 -22.65 8.06
N SER A 195 20.54 -22.73 9.02
CA SER A 195 20.07 -22.67 10.38
C SER A 195 19.45 -21.31 10.77
N ARG A 196 19.53 -20.28 9.91
CA ARG A 196 18.93 -19.02 10.28
C ARG A 196 17.64 -18.80 9.53
N VAL A 197 17.20 -19.85 8.82
CA VAL A 197 16.01 -19.81 7.97
C VAL A 197 14.97 -20.86 8.29
N CYS A 198 13.72 -20.41 8.25
CA CYS A 198 12.55 -21.26 8.42
C CYS A 198 11.77 -21.24 7.10
N ILE A 199 11.52 -22.42 6.57
CA ILE A 199 10.74 -22.62 5.34
C ILE A 199 9.27 -22.88 5.70
N GLY A 200 8.46 -21.80 5.56
CA GLY A 200 7.03 -21.69 5.91
C GLY A 200 5.98 -22.36 5.05
N HIS A 201 4.79 -22.47 5.64
CA HIS A 201 3.63 -23.09 5.01
C HIS A 201 3.95 -24.50 4.54
N SER A 202 4.91 -25.15 5.20
CA SER A 202 5.32 -26.49 4.82
C SER A 202 4.33 -27.63 5.12
N ASP A 203 3.39 -27.42 6.03
CA ASP A 203 2.38 -28.43 6.43
C ASP A 203 1.32 -28.52 5.35
N ASP A 204 1.48 -27.65 4.38
CA ASP A 204 0.54 -27.55 3.28
C ASP A 204 0.75 -28.60 2.20
N THR A 205 1.77 -29.44 2.39
CA THR A 205 2.04 -30.52 1.46
C THR A 205 2.20 -31.82 2.20
N ASP A 206 1.91 -32.94 1.50
CA ASP A 206 2.03 -34.28 2.07
C ASP A 206 3.34 -34.96 1.72
N ASP A 207 4.06 -34.32 0.81
CA ASP A 207 5.32 -34.87 0.34
C ASP A 207 6.42 -34.96 1.37
N LEU A 208 6.44 -36.05 2.11
CA LEU A 208 7.48 -36.15 3.11
C LEU A 208 8.85 -36.11 2.48
N SER A 209 8.92 -36.46 1.19
CA SER A 209 10.25 -36.46 0.57
C SER A 209 10.87 -35.07 0.42
N TYR A 210 10.01 -34.08 0.14
CA TYR A 210 10.43 -32.71 0.01
C TYR A 210 10.94 -32.26 1.38
N LEU A 211 10.08 -32.42 2.36
CA LEU A 211 10.36 -32.02 3.73
C LEU A 211 11.65 -32.48 4.38
N THR A 212 11.93 -33.80 4.29
CA THR A 212 13.14 -34.38 4.88
C THR A 212 14.40 -33.95 4.16
N ALA A 213 14.20 -33.62 2.88
CA ALA A 213 15.28 -33.13 2.06
C ALA A 213 15.77 -31.76 2.61
N LEU A 214 14.83 -30.88 2.90
CA LEU A 214 15.22 -29.60 3.45
C LEU A 214 15.73 -29.73 4.87
N ALA A 215 15.06 -30.57 5.65
CA ALA A 215 15.44 -30.76 7.04
C ALA A 215 16.86 -31.28 7.13
N ALA A 216 17.17 -32.18 6.19
CA ALA A 216 18.48 -32.78 6.16
C ALA A 216 19.57 -31.75 5.91
N ARG A 217 19.20 -30.63 5.27
CA ARG A 217 20.13 -29.55 4.99
C ARG A 217 20.38 -28.56 6.09
N GLY A 218 19.51 -28.57 7.11
CA GLY A 218 19.69 -27.67 8.25
C GLY A 218 18.60 -26.62 8.37
N TYR A 219 17.67 -26.64 7.42
CA TYR A 219 16.61 -25.67 7.45
C TYR A 219 15.62 -26.02 8.50
N LEU A 220 14.91 -24.97 8.93
CA LEU A 220 13.88 -25.16 9.88
C LEU A 220 12.63 -25.30 9.05
N ILE A 221 11.73 -26.19 9.44
CA ILE A 221 10.49 -26.48 8.73
C ILE A 221 9.30 -25.89 9.47
N GLY A 222 8.64 -24.94 8.82
CA GLY A 222 7.51 -24.31 9.43
C GLY A 222 6.17 -24.98 9.15
N LEU A 223 5.65 -25.71 10.17
CA LEU A 223 4.35 -26.38 10.13
C LEU A 223 3.39 -25.44 10.88
N ASP A 224 3.02 -24.34 10.25
CA ASP A 224 2.27 -23.24 10.86
C ASP A 224 0.81 -23.06 10.57
N GLY A 225 0.18 -23.95 9.82
CA GLY A 225 -1.24 -23.75 9.53
C GLY A 225 -2.10 -24.93 9.99
N ILE A 226 -1.72 -25.56 11.09
CA ILE A 226 -2.43 -26.72 11.62
C ILE A 226 -3.96 -26.64 11.61
N PRO A 227 -4.55 -25.57 12.18
CA PRO A 227 -6.01 -25.53 12.18
C PRO A 227 -6.68 -25.21 10.86
N TRP A 228 -5.91 -24.91 9.82
CA TRP A 228 -6.49 -24.58 8.52
C TRP A 228 -7.10 -25.80 7.83
N SER A 229 -8.42 -25.79 7.69
CA SER A 229 -9.16 -26.87 7.05
C SER A 229 -10.57 -26.44 6.67
N ALA A 230 -10.99 -26.71 5.41
CA ALA A 230 -12.34 -26.36 4.95
C ALA A 230 -13.23 -27.59 4.93
N ILE A 231 -12.77 -28.70 5.51
CA ILE A 231 -13.57 -29.91 5.56
C ILE A 231 -14.92 -29.55 6.17
N GLY A 232 -16.00 -29.87 5.48
CA GLY A 232 -17.31 -29.50 6.00
C GLY A 232 -17.77 -28.15 5.39
N LEU A 233 -16.81 -27.26 5.19
CA LEU A 233 -17.04 -25.95 4.61
C LEU A 233 -16.85 -26.05 3.08
N GLU A 234 -17.02 -27.26 2.56
CA GLU A 234 -16.87 -27.51 1.13
C GLU A 234 -17.94 -26.82 0.33
N ASP A 235 -18.86 -26.24 1.07
CA ASP A 235 -19.95 -25.50 0.51
C ASP A 235 -19.36 -24.25 -0.15
N ASN A 236 -18.48 -23.60 0.64
CA ASN A 236 -17.75 -22.39 0.33
C ASN A 236 -16.53 -22.59 -0.57
N ALA A 237 -16.63 -22.04 -1.78
CA ALA A 237 -15.56 -22.14 -2.74
C ALA A 237 -14.31 -21.32 -2.36
N SER A 238 -14.52 -20.08 -1.86
CA SER A 238 -13.45 -19.20 -1.43
C SER A 238 -12.66 -19.80 -0.26
N ALA A 239 -13.38 -20.19 0.79
CA ALA A 239 -12.80 -20.82 1.98
C ALA A 239 -12.11 -22.12 1.62
N SER A 240 -12.76 -22.91 0.77
CA SER A 240 -12.15 -24.16 0.40
C SER A 240 -10.79 -23.92 -0.25
N ALA A 241 -10.72 -22.88 -1.08
CA ALA A 241 -9.50 -22.50 -1.79
C ALA A 241 -8.34 -22.06 -0.89
N LEU A 242 -8.68 -21.35 0.18
CA LEU A 242 -7.71 -20.83 1.12
C LEU A 242 -7.31 -21.86 2.17
N LEU A 243 -8.32 -22.48 2.77
CA LEU A 243 -8.09 -23.46 3.83
C LEU A 243 -7.66 -24.82 3.43
N GLY A 244 -8.11 -25.28 2.27
CA GLY A 244 -7.75 -26.61 1.85
C GLY A 244 -8.78 -27.63 2.36
N ILE A 245 -8.52 -28.90 2.06
CA ILE A 245 -9.40 -29.99 2.44
C ILE A 245 -8.74 -31.13 3.16
N ARG A 246 -7.54 -30.86 3.65
CA ARG A 246 -6.82 -31.81 4.44
C ARG A 246 -7.29 -31.51 5.85
N SER A 247 -7.47 -32.53 6.72
CA SER A 247 -7.94 -32.20 8.06
C SER A 247 -6.80 -31.72 8.90
N TRP A 248 -7.14 -31.18 10.07
CA TRP A 248 -6.04 -30.72 10.90
C TRP A 248 -5.22 -31.88 11.42
N GLN A 249 -5.83 -33.09 11.46
CA GLN A 249 -5.07 -34.22 11.96
C GLN A 249 -3.95 -34.57 11.03
N THR A 250 -4.32 -34.57 9.74
CA THR A 250 -3.38 -34.86 8.64
C THR A 250 -2.15 -33.96 8.69
N ARG A 251 -2.38 -32.65 8.94
CA ARG A 251 -1.29 -31.67 9.04
C ARG A 251 -0.47 -31.95 10.30
N ALA A 252 -1.20 -32.19 11.39
CA ALA A 252 -0.56 -32.47 12.68
C ALA A 252 0.37 -33.68 12.60
N LEU A 253 -0.03 -34.69 11.82
CA LEU A 253 0.76 -35.92 11.63
C LEU A 253 2.14 -35.70 11.03
N LEU A 254 2.27 -34.65 10.19
CA LEU A 254 3.55 -34.30 9.58
C LEU A 254 4.53 -34.04 10.69
N ILE A 255 4.03 -33.43 11.77
CA ILE A 255 4.90 -33.18 12.90
C ILE A 255 5.51 -34.51 13.39
N LYS A 256 4.66 -35.49 13.64
CA LYS A 256 5.13 -36.80 14.10
C LYS A 256 6.13 -37.45 13.15
N ALA A 257 5.79 -37.45 11.86
CA ALA A 257 6.65 -38.04 10.85
C ALA A 257 8.07 -37.54 10.94
N LEU A 258 8.24 -36.19 10.97
CA LEU A 258 9.58 -35.58 11.06
C LEU A 258 10.32 -35.88 12.35
N ILE A 259 9.56 -35.92 13.42
CA ILE A 259 10.21 -36.22 14.67
C ILE A 259 10.76 -37.61 14.49
N ASP A 260 9.92 -38.48 13.93
CA ASP A 260 10.28 -39.88 13.72
C ASP A 260 11.51 -40.08 12.87
N GLN A 261 11.85 -39.12 12.04
CA GLN A 261 13.06 -39.29 11.23
C GLN A 261 14.28 -38.66 11.83
N GLY A 262 14.12 -38.14 13.03
CA GLY A 262 15.24 -37.51 13.69
C GLY A 262 15.26 -36.00 13.55
N TYR A 263 14.15 -35.37 13.16
CA TYR A 263 14.20 -33.92 13.03
C TYR A 263 13.50 -33.10 14.06
N MET A 264 13.42 -33.54 15.28
CA MET A 264 12.71 -32.69 16.22
C MET A 264 13.30 -31.28 16.38
N LYS A 265 14.62 -31.17 16.23
CA LYS A 265 15.36 -29.90 16.37
C LYS A 265 15.11 -28.88 15.27
N GLN A 266 14.50 -29.31 14.17
CA GLN A 266 14.21 -28.45 13.04
C GLN A 266 12.76 -28.19 12.86
N ILE A 267 11.96 -28.42 13.87
CA ILE A 267 10.55 -28.18 13.68
C ILE A 267 10.13 -26.94 14.45
N LEU A 268 9.23 -26.19 13.82
CA LEU A 268 8.61 -24.97 14.35
C LEU A 268 7.16 -25.08 13.98
N VAL A 269 6.31 -24.98 14.99
CA VAL A 269 4.85 -25.07 14.83
C VAL A 269 4.11 -23.78 15.18
N SER A 270 3.01 -23.54 14.47
CA SER A 270 2.20 -22.35 14.66
C SER A 270 0.78 -22.55 14.13
N ASN A 271 -0.09 -21.55 14.32
CA ASN A 271 -1.46 -21.62 13.84
C ASN A 271 -1.68 -20.77 12.60
N ASP A 272 -0.85 -19.75 12.41
CA ASP A 272 -1.05 -18.83 11.30
C ASP A 272 -2.44 -18.19 11.47
N TRP A 273 -2.74 -17.82 12.72
CA TRP A 273 -4.01 -17.20 13.08
C TRP A 273 -3.96 -15.64 12.97
N THR A 274 -5.11 -14.96 13.06
CA THR A 274 -5.20 -13.51 12.93
C THR A 274 -6.54 -13.10 13.51
N PHE A 275 -6.66 -11.83 13.89
CA PHE A 275 -7.92 -11.32 14.46
C PHE A 275 -8.67 -10.43 13.49
N GLY A 276 -7.98 -10.06 12.44
CA GLY A 276 -8.53 -9.20 11.38
C GLY A 276 -8.02 -9.66 10.03
N PHE A 277 -8.82 -9.52 8.99
CA PHE A 277 -8.39 -9.99 7.69
C PHE A 277 -9.08 -9.29 6.52
N SER A 278 -8.42 -8.28 5.96
CA SER A 278 -8.99 -7.48 4.85
C SER A 278 -8.44 -7.82 3.50
N SER A 279 -7.32 -8.52 3.47
CA SER A 279 -6.76 -8.81 2.17
C SER A 279 -7.36 -10.07 1.56
N TYR A 280 -8.59 -10.36 1.93
CA TYR A 280 -9.27 -11.55 1.40
C TYR A 280 -10.75 -11.28 1.18
N VAL A 281 -11.56 -12.33 0.88
CA VAL A 281 -12.98 -12.14 0.70
C VAL A 281 -13.57 -11.53 1.97
N THR A 282 -14.61 -10.73 1.83
CA THR A 282 -15.24 -10.12 2.98
C THR A 282 -15.84 -11.22 3.84
N ASN A 283 -15.70 -11.08 5.14
CA ASN A 283 -16.29 -12.09 6.00
C ASN A 283 -15.55 -13.44 6.13
N ILE A 284 -14.38 -13.53 5.53
CA ILE A 284 -13.60 -14.73 5.66
C ILE A 284 -13.25 -14.95 7.15
N MET A 285 -13.13 -13.89 7.98
CA MET A 285 -12.81 -14.11 9.40
C MET A 285 -13.86 -14.94 10.10
N ASP A 286 -15.12 -14.57 9.83
CA ASP A 286 -16.25 -15.25 10.43
C ASP A 286 -16.19 -16.75 10.22
N VAL A 287 -15.90 -17.08 8.98
CA VAL A 287 -15.75 -18.42 8.55
C VAL A 287 -14.63 -19.12 9.32
N MET A 288 -13.50 -18.45 9.44
CA MET A 288 -12.33 -18.96 10.14
C MET A 288 -12.59 -19.14 11.61
N ASP A 289 -13.14 -18.12 12.18
CA ASP A 289 -13.45 -18.22 13.60
C ASP A 289 -14.42 -19.37 13.91
N ARG A 290 -15.19 -19.79 12.91
CA ARG A 290 -16.15 -20.87 13.05
C ARG A 290 -15.45 -22.20 13.01
N VAL A 291 -14.53 -22.30 12.09
CA VAL A 291 -13.71 -23.47 11.95
C VAL A 291 -12.78 -23.66 13.18
N ASN A 292 -12.22 -22.56 13.72
CA ASN A 292 -11.30 -22.64 14.86
C ASN A 292 -11.51 -21.58 15.91
N PRO A 293 -12.46 -21.88 16.78
CA PRO A 293 -12.85 -21.04 17.88
C PRO A 293 -11.76 -20.92 18.91
N ASP A 294 -10.81 -21.84 18.90
CA ASP A 294 -9.70 -21.73 19.87
C ASP A 294 -8.70 -20.71 19.42
N GLY A 295 -8.75 -20.38 18.13
CA GLY A 295 -7.82 -19.39 17.64
C GLY A 295 -6.37 -19.77 17.91
N MET A 296 -5.61 -18.86 18.49
CA MET A 296 -4.18 -19.13 18.75
C MET A 296 -3.86 -20.18 19.80
N ALA A 297 -4.85 -20.53 20.61
CA ALA A 297 -4.71 -21.51 21.68
C ALA A 297 -4.86 -22.94 21.13
N PHE A 298 -5.11 -23.01 19.86
CA PHE A 298 -5.31 -24.29 19.28
C PHE A 298 -4.14 -25.29 19.41
N ILE A 299 -2.96 -24.83 19.14
CA ILE A 299 -1.77 -25.64 19.23
C ILE A 299 -1.70 -26.28 20.62
N PRO A 300 -1.59 -25.48 21.69
CA PRO A 300 -1.49 -26.07 23.04
C PRO A 300 -2.68 -26.95 23.46
N LEU A 301 -3.86 -26.46 23.15
CA LEU A 301 -5.07 -27.16 23.52
C LEU A 301 -5.33 -28.37 22.70
N ARG A 302 -5.08 -28.32 21.41
CA ARG A 302 -5.43 -29.50 20.63
C ARG A 302 -4.37 -30.32 19.97
N VAL A 303 -3.33 -29.69 19.50
CA VAL A 303 -2.28 -30.40 18.81
C VAL A 303 -1.35 -31.14 19.73
N ILE A 304 -0.98 -30.50 20.83
CA ILE A 304 -0.06 -31.11 21.78
C ILE A 304 -0.58 -32.41 22.40
N PRO A 305 -1.82 -32.38 22.90
CA PRO A 305 -2.44 -33.52 23.58
C PRO A 305 -2.60 -34.67 22.66
N PHE A 306 -2.91 -34.23 21.52
CA PHE A 306 -3.11 -35.09 20.43
C PHE A 306 -1.85 -35.88 20.00
N LEU A 307 -0.73 -35.17 19.89
CA LEU A 307 0.51 -35.81 19.50
C LEU A 307 0.99 -36.70 20.61
N ARG A 308 0.77 -36.26 21.84
CA ARG A 308 1.15 -37.03 23.01
C ARG A 308 0.38 -38.35 22.95
N GLU A 309 -0.92 -38.23 22.67
CA GLU A 309 -1.79 -39.39 22.56
C GLU A 309 -1.30 -40.36 21.50
N LYS A 310 -0.36 -39.93 20.67
CA LYS A 310 0.15 -40.81 19.65
C LYS A 310 1.53 -41.35 19.92
N GLY A 311 2.12 -41.11 21.10
CA GLY A 311 3.45 -41.67 21.29
C GLY A 311 4.58 -40.67 21.42
N VAL A 312 4.30 -39.40 21.12
CA VAL A 312 5.31 -38.37 21.26
C VAL A 312 5.49 -37.98 22.72
N PRO A 313 6.74 -38.11 23.22
CA PRO A 313 7.10 -37.78 24.59
C PRO A 313 6.86 -36.30 24.92
N GLN A 314 6.34 -35.98 26.10
CA GLN A 314 6.10 -34.59 26.41
C GLN A 314 7.33 -33.72 26.25
N GLU A 315 8.46 -34.23 26.76
CA GLU A 315 9.76 -33.59 26.76
C GLU A 315 10.12 -33.20 25.35
N THR A 316 9.68 -34.02 24.41
CA THR A 316 9.93 -33.77 22.98
C THR A 316 9.14 -32.57 22.49
N LEU A 317 7.92 -32.49 23.02
CA LEU A 317 6.96 -31.43 22.77
C LEU A 317 7.44 -30.08 23.34
N ALA A 318 8.10 -30.10 24.49
CA ALA A 318 8.62 -28.88 25.07
C ALA A 318 9.82 -28.35 24.27
N GLY A 319 10.53 -29.27 23.63
CA GLY A 319 11.68 -28.86 22.86
C GLY A 319 11.26 -28.12 21.61
N ILE A 320 10.18 -28.57 21.02
CA ILE A 320 9.70 -27.95 19.82
C ILE A 320 9.08 -26.58 20.05
N THR A 321 8.43 -26.41 21.19
CA THR A 321 7.74 -25.17 21.47
C THR A 321 8.49 -24.13 22.28
N VAL A 322 9.55 -24.56 22.94
CA VAL A 322 10.34 -23.68 23.75
C VAL A 322 11.77 -23.56 23.26
N THR A 323 12.41 -24.70 23.13
CA THR A 323 13.79 -24.73 22.70
C THR A 323 14.13 -24.29 21.30
N ASN A 324 13.43 -24.89 20.34
CA ASN A 324 13.62 -24.59 18.93
C ASN A 324 13.47 -23.06 18.66
N PRO A 325 12.37 -22.46 19.15
CA PRO A 325 12.18 -21.04 18.90
C PRO A 325 13.29 -20.12 19.42
N ALA A 326 13.68 -20.30 20.68
CA ALA A 326 14.72 -19.53 21.34
C ALA A 326 16.03 -19.57 20.58
N ARG A 327 16.36 -20.75 20.11
CA ARG A 327 17.57 -20.93 19.34
C ARG A 327 17.46 -20.16 18.02
N PHE A 328 16.33 -20.34 17.34
CA PHE A 328 16.10 -19.66 16.09
C PHE A 328 16.14 -18.11 16.21
N LEU A 329 15.34 -17.57 17.15
CA LEU A 329 15.26 -16.14 17.34
C LEU A 329 16.45 -15.45 17.92
N SER A 330 17.29 -16.11 18.68
CA SER A 330 18.41 -15.35 19.23
C SER A 330 19.29 -14.88 18.08
N PRO A 331 19.63 -13.57 18.11
CA PRO A 331 20.47 -12.97 17.08
C PRO A 331 21.84 -13.60 17.07
N THR A 332 22.10 -14.22 15.94
CA THR A 332 23.32 -14.93 15.75
C THR A 332 24.16 -14.53 14.56
N LEU A 333 25.32 -14.01 14.91
CA LEU A 333 26.27 -13.59 13.90
C LEU A 333 27.17 -14.77 13.50
N ARG A 334 27.47 -14.83 12.19
CA ARG A 334 28.30 -15.83 11.54
C ARG A 334 29.73 -15.87 12.11
N GLY B 5 -24.02 24.52 -3.02
CA GLY B 5 -22.68 24.73 -3.56
C GLY B 5 -22.14 26.13 -3.26
N ASP B 6 -21.76 26.32 -2.00
CA ASP B 6 -21.24 27.60 -1.52
C ASP B 6 -19.74 27.56 -1.14
N ARG B 7 -19.36 26.43 -0.52
CA ARG B 7 -18.02 26.25 -0.03
C ARG B 7 -17.28 25.01 -0.55
N ILE B 8 -15.98 25.16 -0.61
CA ILE B 8 -15.12 24.10 -1.04
C ILE B 8 -14.25 23.68 0.14
N ASN B 9 -14.06 22.37 0.25
CA ASN B 9 -13.26 21.79 1.31
C ASN B 9 -11.76 21.79 0.97
N THR B 10 -11.01 22.39 1.88
CA THR B 10 -9.56 22.45 1.80
C THR B 10 -8.96 21.73 3.03
N VAL B 11 -7.65 21.54 3.03
CA VAL B 11 -7.02 20.90 4.15
C VAL B 11 -7.05 21.82 5.36
N ARG B 12 -7.39 23.12 5.19
CA ARG B 12 -7.42 24.04 6.34
C ARG B 12 -8.85 24.38 6.72
N GLY B 13 -9.80 23.73 6.05
CA GLY B 13 -11.21 23.99 6.29
C GLY B 13 -11.87 24.45 5.00
N PRO B 14 -13.14 24.78 5.10
CA PRO B 14 -13.93 25.22 3.95
C PRO B 14 -13.65 26.64 3.53
N ILE B 15 -13.61 26.86 2.22
CA ILE B 15 -13.39 28.21 1.77
C ILE B 15 -14.54 28.56 0.85
N THR B 16 -14.76 29.88 0.73
CA THR B 16 -15.79 30.29 -0.17
C THR B 16 -15.21 30.26 -1.56
N ILE B 17 -16.09 30.20 -2.54
CA ILE B 17 -15.72 30.14 -3.94
C ILE B 17 -14.84 31.29 -4.41
N SER B 18 -15.04 32.50 -3.88
CA SER B 18 -14.28 33.70 -4.23
C SER B 18 -12.88 33.70 -3.68
N GLU B 19 -12.63 32.88 -2.67
CA GLU B 19 -11.32 32.79 -2.06
C GLU B 19 -10.36 31.88 -2.83
N ALA B 20 -10.89 31.01 -3.68
CA ALA B 20 -10.07 30.07 -4.46
C ALA B 20 -9.03 30.73 -5.37
N GLY B 21 -9.48 31.81 -6.03
CA GLY B 21 -8.62 32.56 -6.92
C GLY B 21 -7.98 31.68 -7.99
N PHE B 22 -6.80 32.07 -8.41
CA PHE B 22 -6.06 31.33 -9.39
C PHE B 22 -5.83 29.90 -8.83
N THR B 23 -6.39 28.90 -9.51
CA THR B 23 -6.29 27.49 -9.07
C THR B 23 -5.63 26.53 -10.06
N LEU B 24 -4.74 25.64 -9.54
CA LEU B 24 -4.02 24.58 -10.32
C LEU B 24 -4.78 23.33 -10.00
N THR B 25 -5.44 22.74 -11.00
CA THR B 25 -6.31 21.58 -10.85
C THR B 25 -5.76 20.16 -10.79
N HIS B 26 -4.50 19.92 -11.11
CA HIS B 26 -4.00 18.54 -11.04
C HIS B 26 -2.50 18.67 -10.66
N GLU B 27 -2.23 18.54 -9.37
CA GLU B 27 -0.90 18.63 -8.82
C GLU B 27 -0.70 17.57 -7.74
N HIS B 28 0.49 17.52 -7.14
CA HIS B 28 0.83 16.60 -6.04
C HIS B 28 1.90 17.20 -5.16
N ILE B 29 1.82 16.98 -3.83
CA ILE B 29 2.89 17.44 -2.96
C ILE B 29 3.95 16.38 -3.01
N CYS B 30 3.49 15.15 -3.05
CA CYS B 30 4.40 14.02 -3.10
C CYS B 30 3.79 12.86 -3.89
N GLY B 31 4.59 12.14 -4.66
CA GLY B 31 4.07 11.00 -5.43
C GLY B 31 4.69 9.74 -4.86
N SER B 32 3.90 8.98 -4.10
CA SER B 32 4.40 7.79 -3.44
C SER B 32 3.47 6.57 -3.43
N SER B 33 3.46 5.87 -2.29
CA SER B 33 2.63 4.69 -2.07
C SER B 33 2.05 4.75 -0.66
N ALA B 34 0.89 4.14 -0.40
CA ALA B 34 0.30 4.18 0.93
C ALA B 34 1.29 3.67 1.95
N GLY B 35 1.45 4.38 3.08
CA GLY B 35 2.35 4.02 4.17
C GLY B 35 3.85 4.24 3.96
N PHE B 36 4.25 4.53 2.76
CA PHE B 36 5.66 4.73 2.45
C PHE B 36 6.37 5.90 3.13
N LEU B 37 5.75 7.08 3.12
CA LEU B 37 6.36 8.27 3.73
C LEU B 37 6.63 8.04 5.24
N ARG B 38 5.71 7.40 5.93
CA ARG B 38 5.90 7.16 7.36
C ARG B 38 6.93 6.08 7.62
N ALA B 39 7.01 5.11 6.70
CA ALA B 39 7.93 4.00 6.88
C ALA B 39 9.38 4.23 6.44
N TRP B 40 9.59 5.10 5.44
CA TRP B 40 10.93 5.32 4.90
C TRP B 40 11.11 6.73 4.37
N PRO B 41 11.02 7.67 5.31
CA PRO B 41 11.12 9.09 5.02
C PRO B 41 12.49 9.52 4.52
N GLU B 42 13.49 8.72 4.86
CA GLU B 42 14.87 9.00 4.48
C GLU B 42 14.98 8.88 3.00
N PHE B 43 14.02 8.17 2.44
CA PHE B 43 14.06 8.03 0.98
C PHE B 43 14.04 9.41 0.27
N PHE B 44 13.45 10.39 0.97
CA PHE B 44 13.29 11.76 0.53
C PHE B 44 14.27 12.71 1.24
N GLY B 45 15.26 12.16 1.93
CA GLY B 45 16.24 12.93 2.66
C GLY B 45 15.79 12.87 4.12
N SER B 46 14.59 13.37 4.30
CA SER B 46 13.89 13.40 5.56
C SER B 46 12.53 13.99 5.29
N ARG B 47 11.65 13.83 6.26
CA ARG B 47 10.34 14.37 6.06
C ARG B 47 10.41 15.89 6.18
N LYS B 48 11.38 16.34 6.92
CA LYS B 48 11.57 17.77 7.12
C LYS B 48 12.11 18.43 5.86
N ALA B 49 13.02 17.74 5.23
CA ALA B 49 13.55 18.29 4.03
C ALA B 49 12.43 18.36 3.01
N LEU B 50 11.64 17.30 2.92
CA LEU B 50 10.57 17.26 1.97
C LEU B 50 9.60 18.40 2.20
N ALA B 51 9.20 18.62 3.46
CA ALA B 51 8.28 19.71 3.78
C ALA B 51 8.84 21.06 3.32
N GLU B 52 10.13 21.30 3.64
CA GLU B 52 10.82 22.53 3.30
C GLU B 52 10.85 22.85 1.81
N LYS B 53 11.10 21.82 1.03
CA LYS B 53 11.15 21.95 -0.43
C LYS B 53 9.78 22.35 -0.95
N ALA B 54 8.82 21.65 -0.42
CA ALA B 54 7.44 21.89 -0.82
C ALA B 54 6.99 23.29 -0.45
N VAL B 55 7.40 23.77 0.74
CA VAL B 55 7.02 25.11 1.16
C VAL B 55 7.71 26.14 0.28
N ARG B 56 8.94 25.88 -0.08
CA ARG B 56 9.60 26.82 -0.92
C ARG B 56 8.89 26.96 -2.28
N GLY B 57 8.65 25.82 -2.89
CA GLY B 57 8.00 25.77 -4.19
C GLY B 57 6.59 26.42 -4.20
N LEU B 58 5.83 26.25 -3.13
CA LEU B 58 4.48 26.81 -3.08
C LEU B 58 4.55 28.34 -2.89
N ARG B 59 5.57 28.84 -2.16
CA ARG B 59 5.73 30.28 -1.96
C ARG B 59 6.06 30.97 -3.28
N ARG B 60 6.83 30.26 -4.12
CA ARG B 60 7.22 30.71 -5.44
C ARG B 60 5.99 30.76 -6.36
N ALA B 61 5.15 29.74 -6.26
CA ALA B 61 3.90 29.70 -7.05
C ALA B 61 2.99 30.87 -6.60
N ARG B 62 2.88 31.00 -5.29
CA ARG B 62 2.10 32.05 -4.70
C ARG B 62 2.60 33.43 -5.15
N ALA B 63 3.93 33.63 -5.18
CA ALA B 63 4.45 34.91 -5.60
C ALA B 63 3.97 35.28 -7.00
N ALA B 64 3.77 34.25 -7.82
CA ALA B 64 3.31 34.37 -9.20
C ALA B 64 1.79 34.50 -9.34
N GLY B 65 1.04 34.47 -8.24
CA GLY B 65 -0.43 34.61 -8.33
C GLY B 65 -1.31 33.39 -8.01
N VAL B 66 -0.72 32.21 -7.86
CA VAL B 66 -1.46 30.98 -7.53
C VAL B 66 -1.98 31.08 -6.09
N ARG B 67 -3.27 30.85 -5.89
CA ARG B 67 -3.85 30.90 -4.54
C ARG B 67 -4.27 29.51 -4.04
N THR B 68 -4.56 28.59 -4.99
CA THR B 68 -5.02 27.26 -4.63
C THR B 68 -4.48 26.21 -5.57
N ILE B 69 -4.27 24.99 -5.03
CA ILE B 69 -3.82 23.84 -5.81
C ILE B 69 -4.65 22.66 -5.31
N VAL B 70 -4.99 21.78 -6.25
CA VAL B 70 -5.72 20.55 -5.96
C VAL B 70 -4.71 19.41 -5.99
N ASP B 71 -4.51 18.76 -4.86
CA ASP B 71 -3.58 17.67 -4.83
C ASP B 71 -4.40 16.42 -5.15
N VAL B 72 -4.18 15.81 -6.33
CA VAL B 72 -4.95 14.64 -6.76
C VAL B 72 -4.38 13.29 -6.29
N SER B 73 -3.57 13.28 -5.23
CA SER B 73 -3.00 12.04 -4.68
C SER B 73 -4.08 11.29 -3.88
N THR B 74 -4.37 10.02 -4.27
CA THR B 74 -5.35 9.19 -3.58
C THR B 74 -4.64 8.39 -2.53
N PHE B 75 -5.38 7.55 -1.85
CA PHE B 75 -4.76 6.66 -0.87
C PHE B 75 -3.51 5.89 -1.44
N ASP B 76 -3.65 5.27 -2.62
CA ASP B 76 -2.60 4.46 -3.24
C ASP B 76 -1.42 5.20 -3.83
N ILE B 77 -1.52 6.54 -3.79
CA ILE B 77 -0.48 7.46 -4.24
C ILE B 77 0.27 7.90 -2.97
N GLY B 78 -0.14 7.32 -1.83
CA GLY B 78 0.47 7.59 -0.53
C GLY B 78 0.16 8.98 0.03
N ARG B 79 -0.99 9.54 -0.34
CA ARG B 79 -1.42 10.84 0.10
C ARG B 79 -1.31 10.89 1.63
N ASP B 80 -0.61 11.91 2.18
CA ASP B 80 -0.41 12.16 3.62
C ASP B 80 -1.01 13.51 3.99
N VAL B 81 -2.28 13.48 4.35
CA VAL B 81 -3.06 14.65 4.69
C VAL B 81 -2.46 15.61 5.72
N SER B 82 -1.73 15.07 6.69
CA SER B 82 -1.07 15.91 7.71
C SER B 82 0.10 16.70 7.08
N LEU B 83 0.75 16.09 6.09
CA LEU B 83 1.81 16.78 5.44
C LEU B 83 1.25 17.94 4.67
N LEU B 84 0.10 17.71 4.02
CA LEU B 84 -0.56 18.71 3.21
C LEU B 84 -0.95 19.92 4.03
N ALA B 85 -1.52 19.63 5.18
CA ALA B 85 -1.95 20.69 6.09
C ALA B 85 -0.78 21.54 6.55
N GLU B 86 0.29 20.90 6.94
CA GLU B 86 1.41 21.69 7.40
C GLU B 86 1.98 22.62 6.32
N VAL B 87 2.13 22.10 5.11
CA VAL B 87 2.66 22.94 4.06
C VAL B 87 1.68 24.01 3.63
N SER B 88 0.38 23.70 3.72
CA SER B 88 -0.61 24.70 3.33
C SER B 88 -0.49 25.91 4.24
N ARG B 89 -0.39 25.59 5.52
CA ARG B 89 -0.28 26.61 6.55
C ARG B 89 1.01 27.45 6.44
N ALA B 90 2.13 26.79 6.21
CA ALA B 90 3.41 27.48 6.15
C ALA B 90 3.57 28.37 4.93
N ALA B 91 3.03 27.93 3.79
CA ALA B 91 3.14 28.68 2.54
C ALA B 91 1.99 29.63 2.31
N ASP B 92 0.91 29.38 3.07
CA ASP B 92 -0.29 30.14 2.93
C ASP B 92 -0.94 30.04 1.55
N VAL B 93 -1.06 28.82 1.10
CA VAL B 93 -1.67 28.45 -0.16
C VAL B 93 -2.77 27.43 0.19
N HIS B 94 -3.93 27.52 -0.44
CA HIS B 94 -4.98 26.55 -0.15
C HIS B 94 -4.73 25.24 -0.89
N ILE B 95 -4.97 24.15 -0.20
CA ILE B 95 -4.84 22.86 -0.82
C ILE B 95 -6.12 22.02 -0.69
N VAL B 96 -6.64 21.53 -1.80
CA VAL B 96 -7.82 20.64 -1.83
C VAL B 96 -7.31 19.21 -1.98
N ALA B 97 -7.71 18.32 -1.04
CA ALA B 97 -7.33 16.89 -1.02
C ALA B 97 -8.28 15.98 -1.84
N ALA B 98 -7.82 14.76 -2.16
CA ALA B 98 -8.64 13.85 -2.90
C ALA B 98 -8.87 12.51 -2.23
N THR B 99 -9.93 11.85 -2.71
CA THR B 99 -10.29 10.48 -2.37
C THR B 99 -10.28 9.80 -3.75
N GLY B 100 -10.64 8.53 -3.79
CA GLY B 100 -10.64 7.74 -5.05
C GLY B 100 -9.48 6.73 -5.03
N LEU B 101 -9.23 6.12 -6.20
CA LEU B 101 -8.16 5.15 -6.33
C LEU B 101 -7.48 5.30 -7.66
N TRP B 102 -6.16 5.18 -7.64
CA TRP B 102 -5.32 5.28 -8.81
C TRP B 102 -5.01 3.87 -9.36
N PHE B 103 -3.86 3.63 -9.94
CA PHE B 103 -3.63 2.31 -10.48
C PHE B 103 -2.75 1.33 -9.70
N ASP B 104 -2.48 1.62 -8.45
CA ASP B 104 -1.68 0.72 -7.63
C ASP B 104 -2.45 0.30 -6.37
N PRO B 105 -3.70 -0.21 -6.49
CA PRO B 105 -4.40 -0.63 -5.26
C PRO B 105 -3.86 -1.92 -4.61
N PRO B 106 -3.80 -2.00 -3.26
CA PRO B 106 -3.35 -3.24 -2.63
C PRO B 106 -4.54 -4.22 -2.58
N LEU B 107 -4.25 -5.47 -2.20
CA LEU B 107 -5.28 -6.49 -2.10
C LEU B 107 -6.51 -6.08 -1.34
N SER B 108 -6.31 -5.35 -0.23
CA SER B 108 -7.46 -4.98 0.58
C SER B 108 -8.45 -4.13 -0.15
N MET B 109 -7.99 -3.47 -1.22
CA MET B 109 -8.87 -2.62 -2.02
C MET B 109 -9.40 -3.42 -3.21
N ARG B 110 -8.48 -4.07 -3.91
CA ARG B 110 -8.82 -4.86 -5.10
C ARG B 110 -9.88 -5.94 -4.93
N LEU B 111 -10.14 -6.40 -3.72
CA LEU B 111 -11.11 -7.44 -3.49
C LEU B 111 -12.45 -6.90 -3.05
N ARG B 112 -12.60 -5.57 -3.03
CA ARG B 112 -13.83 -4.90 -2.64
C ARG B 112 -14.88 -4.83 -3.73
N SER B 113 -16.14 -4.77 -3.31
CA SER B 113 -17.26 -4.71 -4.25
C SER B 113 -17.60 -3.27 -4.54
N VAL B 114 -18.46 -3.06 -5.54
CA VAL B 114 -18.83 -1.69 -5.88
C VAL B 114 -19.45 -1.00 -4.68
N GLU B 115 -20.25 -1.73 -3.92
CA GLU B 115 -20.89 -1.17 -2.73
C GLU B 115 -19.87 -0.80 -1.67
N GLU B 116 -18.89 -1.69 -1.50
CA GLU B 116 -17.84 -1.41 -0.53
C GLU B 116 -17.04 -0.15 -0.90
N LEU B 117 -16.60 -0.05 -2.14
CA LEU B 117 -15.83 1.14 -2.54
C LEU B 117 -16.59 2.45 -2.38
N THR B 118 -17.91 2.41 -2.67
CA THR B 118 -18.74 3.60 -2.55
C THR B 118 -18.66 4.20 -1.16
N GLN B 119 -18.73 3.29 -0.20
CA GLN B 119 -18.67 3.59 1.22
C GLN B 119 -17.30 4.20 1.61
N PHE B 120 -16.25 3.65 1.02
CA PHE B 120 -14.93 4.21 1.35
C PHE B 120 -14.82 5.63 0.82
N PHE B 121 -15.26 5.85 -0.42
CA PHE B 121 -15.16 7.24 -0.94
C PHE B 121 -16.02 8.20 -0.20
N LEU B 122 -17.22 7.71 0.18
CA LEU B 122 -18.09 8.61 0.91
C LEU B 122 -17.47 8.95 2.26
N ARG B 123 -16.86 7.95 2.87
CA ARG B 123 -16.21 8.22 4.14
C ARG B 123 -15.24 9.42 4.04
N GLU B 124 -14.37 9.36 3.03
CA GLU B 124 -13.36 10.42 2.82
C GLU B 124 -13.89 11.81 2.53
N ILE B 125 -15.03 11.84 1.86
CA ILE B 125 -15.66 13.08 1.51
C ILE B 125 -16.48 13.61 2.69
N GLN B 126 -17.27 12.76 3.34
CA GLN B 126 -18.12 13.22 4.43
C GLN B 126 -17.56 13.25 5.83
N TYR B 127 -16.97 12.13 6.22
CA TYR B 127 -16.41 11.95 7.53
C TYR B 127 -15.01 12.56 7.53
N GLY B 128 -14.24 12.25 6.52
CA GLY B 128 -12.90 12.84 6.53
C GLY B 128 -11.84 11.78 6.34
N ILE B 129 -10.62 12.26 6.12
CA ILE B 129 -9.48 11.37 5.89
C ILE B 129 -8.84 10.91 7.18
N GLU B 130 -8.74 9.58 7.27
CA GLU B 130 -8.21 8.98 8.47
C GLU B 130 -9.04 9.51 9.64
N ASP B 131 -8.33 10.01 10.64
CA ASP B 131 -8.92 10.55 11.86
C ASP B 131 -8.72 12.06 11.95
N THR B 132 -8.39 12.66 10.83
CA THR B 132 -8.11 14.08 10.80
C THR B 132 -9.32 14.98 10.70
N GLY B 133 -10.43 14.48 10.15
CA GLY B 133 -11.58 15.36 10.01
C GLY B 133 -11.44 16.17 8.72
N ILE B 134 -10.27 16.08 8.05
CA ILE B 134 -10.05 16.78 6.80
C ILE B 134 -10.84 16.03 5.69
N ARG B 135 -11.73 16.77 5.03
CA ARG B 135 -12.58 16.21 3.98
C ARG B 135 -12.12 16.43 2.54
N ALA B 136 -12.25 15.36 1.74
CA ALA B 136 -11.88 15.39 0.32
C ALA B 136 -12.82 16.27 -0.48
N GLY B 137 -12.22 17.02 -1.43
CA GLY B 137 -12.99 17.90 -2.27
C GLY B 137 -13.10 17.45 -3.74
N ILE B 138 -12.53 16.27 -4.06
CA ILE B 138 -12.53 15.71 -5.42
C ILE B 138 -12.32 14.22 -5.33
N ILE B 139 -12.70 13.51 -6.39
CA ILE B 139 -12.56 12.07 -6.51
C ILE B 139 -11.65 11.75 -7.71
N VAL B 141 -9.81 8.89 -10.19
CA VAL B 141 -9.91 7.51 -10.63
C VAL B 141 -9.04 7.30 -11.83
N ALA B 142 -8.83 6.07 -12.21
CA ALA B 142 -7.96 5.85 -13.35
C ALA B 142 -8.19 4.55 -14.12
N THR B 143 -7.82 4.58 -15.40
CA THR B 143 -7.83 3.46 -16.32
C THR B 143 -6.50 3.60 -17.04
N THR B 144 -5.92 2.48 -17.46
CA THR B 144 -4.64 2.45 -18.16
C THR B 144 -4.89 1.68 -19.46
N GLY B 145 -5.70 2.25 -20.34
CA GLY B 145 -6.09 1.60 -21.57
C GLY B 145 -7.45 0.91 -21.28
N LYS B 146 -7.73 -0.22 -21.86
CA LYS B 146 -9.01 -0.86 -21.61
C LYS B 146 -9.23 -1.23 -20.14
N ALA B 147 -10.35 -0.75 -19.57
CA ALA B 147 -10.68 -0.97 -18.18
C ALA B 147 -10.70 -2.43 -17.77
N THR B 148 -10.12 -2.70 -16.61
CA THR B 148 -10.13 -4.05 -16.03
C THR B 148 -11.47 -4.16 -15.30
N PRO B 149 -11.89 -5.35 -14.91
CA PRO B 149 -13.13 -5.42 -14.20
C PRO B 149 -13.05 -4.64 -12.91
N PHE B 150 -11.85 -4.57 -12.29
CA PHE B 150 -11.76 -3.81 -11.04
C PHE B 150 -11.92 -2.34 -11.39
N GLN B 151 -11.26 -1.92 -12.44
CA GLN B 151 -11.36 -0.52 -12.77
C GLN B 151 -12.77 -0.08 -13.05
N GLU B 152 -13.54 -0.97 -13.69
CA GLU B 152 -14.92 -0.64 -13.98
C GLU B 152 -15.67 -0.44 -12.67
N LEU B 153 -15.37 -1.26 -11.64
CA LEU B 153 -16.08 -1.07 -10.38
C LEU B 153 -15.77 0.30 -9.83
N VAL B 154 -14.48 0.63 -9.85
CA VAL B 154 -14.02 1.91 -9.32
C VAL B 154 -14.74 3.06 -9.96
N LEU B 155 -14.87 2.99 -11.29
CA LEU B 155 -15.56 4.10 -11.98
C LEU B 155 -17.03 4.22 -11.53
N LYS B 156 -17.68 3.09 -11.30
CA LYS B 156 -19.08 3.04 -10.87
C LYS B 156 -19.24 3.62 -9.50
N ALA B 157 -18.33 3.20 -8.63
CA ALA B 157 -18.36 3.72 -7.24
C ALA B 157 -18.10 5.23 -7.16
N ALA B 158 -17.23 5.70 -8.04
CA ALA B 158 -16.91 7.10 -8.08
C ALA B 158 -18.10 7.87 -8.60
N ALA B 159 -18.79 7.31 -9.58
CA ALA B 159 -19.95 7.98 -10.12
C ALA B 159 -21.00 8.05 -9.03
N ARG B 160 -21.18 6.98 -8.29
CA ARG B 160 -22.18 7.04 -7.23
C ARG B 160 -21.87 7.98 -6.08
N ALA B 161 -20.60 8.10 -5.74
CA ALA B 161 -20.31 8.97 -4.62
C ALA B 161 -20.45 10.43 -5.04
N SER B 162 -20.14 10.70 -6.32
CA SER B 162 -20.25 12.05 -6.84
C SER B 162 -21.71 12.50 -6.87
N LEU B 163 -22.59 11.56 -7.28
CA LEU B 163 -24.05 11.75 -7.38
C LEU B 163 -24.64 12.15 -6.02
N ALA B 164 -24.18 11.47 -4.98
CA ALA B 164 -24.63 11.74 -3.59
C ALA B 164 -24.08 12.98 -2.91
N THR B 165 -22.84 13.36 -3.26
CA THR B 165 -22.18 14.49 -2.63
C THR B 165 -22.06 15.74 -3.49
N GLY B 166 -22.02 15.59 -4.79
CA GLY B 166 -21.89 16.76 -5.61
C GLY B 166 -20.44 17.10 -5.92
N VAL B 167 -19.52 16.33 -5.38
CA VAL B 167 -18.09 16.54 -5.58
C VAL B 167 -17.70 16.03 -6.98
N PRO B 168 -16.81 16.74 -7.69
CA PRO B 168 -16.41 16.38 -9.04
C PRO B 168 -15.47 15.20 -9.09
N VAL B 169 -15.39 14.65 -10.29
CA VAL B 169 -14.55 13.53 -10.60
C VAL B 169 -13.51 13.97 -11.61
N THR B 170 -12.26 13.55 -11.41
CA THR B 170 -11.12 13.83 -12.25
C THR B 170 -10.42 12.51 -12.62
N THR B 171 -10.05 12.34 -13.88
CA THR B 171 -9.45 11.06 -14.21
C THR B 171 -8.04 11.06 -14.77
N HIS B 172 -7.49 9.85 -14.74
CA HIS B 172 -6.18 9.55 -15.29
C HIS B 172 -6.52 8.70 -16.53
N THR B 173 -5.90 9.00 -17.64
CA THR B 173 -6.17 8.20 -18.84
C THR B 173 -4.90 7.90 -19.56
N ALA B 174 -5.01 6.90 -20.45
CA ALA B 174 -4.00 6.50 -21.41
C ALA B 174 -4.65 7.16 -22.65
N ALA B 175 -4.37 8.48 -22.82
CA ALA B 175 -4.93 9.36 -23.86
C ALA B 175 -4.85 8.77 -25.24
N SER B 176 -3.68 8.23 -25.52
CA SER B 176 -3.39 7.61 -26.82
C SER B 176 -4.33 6.42 -27.09
N GLN B 177 -4.93 5.90 -26.05
CA GLN B 177 -5.86 4.80 -26.22
C GLN B 177 -7.30 5.21 -26.18
N ARG B 178 -7.49 6.51 -26.11
CA ARG B 178 -8.81 7.04 -26.10
C ARG B 178 -9.61 6.59 -24.89
N ASP B 179 -8.90 6.39 -23.78
CA ASP B 179 -9.56 5.96 -22.55
C ASP B 179 -10.78 6.79 -22.15
N GLY B 180 -10.78 8.09 -22.46
CA GLY B 180 -11.91 8.96 -22.08
C GLY B 180 -13.24 8.47 -22.59
N GLU B 181 -13.24 7.86 -23.77
CA GLU B 181 -14.45 7.33 -24.35
C GLU B 181 -15.05 6.21 -23.53
N GLN B 182 -14.24 5.24 -23.10
CA GLN B 182 -14.83 4.19 -22.28
C GLN B 182 -15.26 4.70 -20.88
N GLN B 183 -14.54 5.70 -20.36
CA GLN B 183 -14.83 6.25 -19.04
C GLN B 183 -16.17 6.97 -19.09
N ALA B 184 -16.36 7.76 -20.16
CA ALA B 184 -17.61 8.49 -20.36
C ALA B 184 -18.81 7.53 -20.40
N ALA B 185 -18.64 6.43 -21.12
CA ALA B 185 -19.72 5.46 -21.24
C ALA B 185 -20.19 4.95 -19.90
N ILE B 186 -19.20 4.60 -19.04
CA ILE B 186 -19.52 4.08 -17.70
C ILE B 186 -20.19 5.13 -16.83
N PHE B 187 -19.65 6.33 -16.88
CA PHE B 187 -20.20 7.41 -16.07
C PHE B 187 -21.60 7.69 -16.51
N GLU B 188 -21.77 7.71 -17.84
CA GLU B 188 -23.10 7.98 -18.37
C GLU B 188 -24.11 6.90 -18.03
N SER B 189 -23.67 5.66 -18.01
CA SER B 189 -24.57 4.63 -17.65
C SER B 189 -25.01 4.75 -16.19
N GLU B 190 -24.22 5.41 -15.33
CA GLU B 190 -24.54 5.59 -13.91
C GLU B 190 -25.40 6.82 -13.65
N GLY B 191 -25.64 7.60 -14.69
CA GLY B 191 -26.47 8.79 -14.51
C GLY B 191 -25.72 10.07 -14.22
N LEU B 192 -24.36 10.00 -14.25
CA LEU B 192 -23.51 11.15 -13.95
C LEU B 192 -23.41 12.15 -15.09
N SER B 193 -23.56 13.43 -14.74
CA SER B 193 -23.44 14.53 -15.68
C SER B 193 -21.97 14.81 -16.03
N PRO B 194 -21.68 14.89 -17.35
CA PRO B 194 -20.33 15.14 -17.85
C PRO B 194 -19.67 16.38 -17.30
N SER B 195 -20.47 17.35 -16.94
CA SER B 195 -19.93 18.60 -16.42
C SER B 195 -19.34 18.42 -15.03
N ARG B 196 -19.52 17.22 -14.48
CA ARG B 196 -18.96 16.95 -13.15
C ARG B 196 -17.64 16.17 -13.27
N VAL B 197 -17.23 15.95 -14.53
CA VAL B 197 -16.06 15.16 -14.85
C VAL B 197 -15.00 15.80 -15.74
N CYS B 198 -13.76 15.67 -15.27
CA CYS B 198 -12.56 16.13 -15.95
C CYS B 198 -11.76 14.93 -16.44
N ILE B 199 -11.63 14.85 -17.76
CA ILE B 199 -10.84 13.78 -18.40
C ILE B 199 -9.35 14.23 -18.47
N GLY B 200 -8.53 13.75 -17.51
CA GLY B 200 -7.12 14.10 -17.34
C GLY B 200 -6.15 13.45 -18.32
N HIS B 201 -4.90 14.00 -18.28
CA HIS B 201 -3.79 13.59 -19.13
C HIS B 201 -4.17 13.74 -20.58
N SER B 202 -5.05 14.74 -20.84
CA SER B 202 -5.55 14.96 -22.19
C SER B 202 -4.58 15.64 -23.12
N ASP B 203 -3.54 16.26 -22.55
CA ASP B 203 -2.51 16.94 -23.31
C ASP B 203 -1.53 15.93 -23.87
N ASP B 204 -1.72 14.66 -23.51
CA ASP B 204 -0.82 13.59 -23.94
C ASP B 204 -1.09 13.04 -25.33
N THR B 205 -2.12 13.54 -26.00
CA THR B 205 -2.46 13.13 -27.36
C THR B 205 -2.47 14.37 -28.25
N ASP B 206 -2.25 14.16 -29.55
CA ASP B 206 -2.27 15.20 -30.55
C ASP B 206 -3.57 15.06 -31.30
N ASP B 207 -4.34 14.05 -30.93
CA ASP B 207 -5.63 13.79 -31.56
C ASP B 207 -6.77 14.71 -31.10
N LEU B 208 -6.86 15.87 -31.76
CA LEU B 208 -7.84 16.89 -31.46
C LEU B 208 -9.28 16.43 -31.67
N SER B 209 -9.49 15.52 -32.60
CA SER B 209 -10.81 14.99 -32.88
C SER B 209 -11.36 14.15 -31.70
N TYR B 210 -10.46 13.53 -30.95
CA TYR B 210 -10.85 12.75 -29.80
C TYR B 210 -11.29 13.72 -28.70
N LEU B 211 -10.49 14.75 -28.49
CA LEU B 211 -10.76 15.80 -27.50
C LEU B 211 -12.04 16.63 -27.78
N THR B 212 -12.24 17.06 -29.02
CA THR B 212 -13.42 17.85 -29.35
C THR B 212 -14.74 17.07 -29.20
N ALA B 213 -14.68 15.77 -29.46
CA ALA B 213 -15.84 14.92 -29.32
C ALA B 213 -16.30 14.84 -27.85
N LEU B 214 -15.33 14.74 -26.95
CA LEU B 214 -15.60 14.70 -25.52
C LEU B 214 -16.06 16.08 -25.01
N ALA B 215 -15.37 17.12 -25.49
CA ALA B 215 -15.71 18.49 -25.13
C ALA B 215 -17.14 18.79 -25.53
N ALA B 216 -17.51 18.36 -26.73
CA ALA B 216 -18.86 18.54 -27.28
C ALA B 216 -19.96 17.93 -26.43
N ARG B 217 -19.64 16.81 -25.78
CA ARG B 217 -20.56 16.12 -24.91
C ARG B 217 -20.69 16.75 -23.52
N GLY B 218 -19.85 17.74 -23.18
CA GLY B 218 -19.97 18.38 -21.86
C GLY B 218 -18.86 18.13 -20.84
N TYR B 219 -17.92 17.27 -21.19
CA TYR B 219 -16.82 16.95 -20.31
C TYR B 219 -15.78 18.05 -20.25
N LEU B 220 -15.10 18.09 -19.09
CA LEU B 220 -14.01 19.02 -18.92
C LEU B 220 -12.76 18.31 -19.41
N ILE B 221 -11.84 19.06 -19.99
CA ILE B 221 -10.65 18.48 -20.57
C ILE B 221 -9.41 18.96 -19.82
N GLY B 222 -8.71 18.02 -19.14
CA GLY B 222 -7.51 18.33 -18.36
C GLY B 222 -6.20 18.26 -19.13
N LEU B 223 -5.71 19.47 -19.44
CA LEU B 223 -4.43 19.70 -20.13
C LEU B 223 -3.54 20.04 -18.94
N ASP B 224 -3.07 18.99 -18.28
CA ASP B 224 -2.36 19.13 -17.02
C ASP B 224 -0.89 18.80 -16.93
N GLY B 225 -0.23 18.41 -18.03
CA GLY B 225 1.20 18.11 -17.87
C GLY B 225 2.05 18.97 -18.77
N ILE B 226 1.66 20.25 -18.91
CA ILE B 226 2.36 21.18 -19.81
C ILE B 226 3.90 21.17 -19.86
N PRO B 227 4.55 21.20 -18.69
CA PRO B 227 6.03 21.25 -18.68
C PRO B 227 6.71 19.91 -18.82
N TRP B 228 5.96 18.80 -18.97
CA TRP B 228 6.52 17.47 -19.11
C TRP B 228 7.09 17.20 -20.50
N SER B 229 8.41 17.18 -20.60
CA SER B 229 9.07 16.94 -21.88
C SER B 229 10.45 16.37 -21.67
N ALA B 230 10.81 15.31 -22.41
CA ALA B 230 12.12 14.68 -22.30
C ALA B 230 13.02 15.22 -23.39
N ILE B 231 12.54 16.21 -24.11
CA ILE B 231 13.29 16.82 -25.18
C ILE B 231 14.71 17.21 -24.72
N GLY B 232 15.71 16.63 -25.35
CA GLY B 232 17.10 16.91 -25.00
C GLY B 232 17.67 15.95 -23.95
N LEU B 233 16.80 15.07 -23.42
CA LEU B 233 17.16 14.07 -22.42
C LEU B 233 16.91 12.68 -22.96
N GLU B 234 16.80 12.55 -24.28
CA GLU B 234 16.52 11.23 -24.82
C GLU B 234 17.61 10.22 -24.59
N ASP B 235 18.69 10.69 -23.97
CA ASP B 235 19.79 9.83 -23.61
C ASP B 235 19.37 8.96 -22.42
N ASN B 236 18.24 9.34 -21.80
CA ASN B 236 17.62 8.70 -20.63
C ASN B 236 16.25 8.10 -20.94
N ALA B 237 16.25 6.77 -21.00
CA ALA B 237 15.08 5.96 -21.32
C ALA B 237 13.93 6.05 -20.35
N SER B 238 14.26 5.94 -19.08
CA SER B 238 13.22 6.01 -18.09
C SER B 238 12.55 7.38 -18.16
N ALA B 239 13.35 8.44 -18.20
CA ALA B 239 12.85 9.81 -18.27
C ALA B 239 12.01 10.03 -19.50
N SER B 240 12.53 9.62 -20.63
CA SER B 240 11.78 9.81 -21.84
C SER B 240 10.49 9.02 -21.87
N ALA B 241 10.51 7.81 -21.31
CA ALA B 241 9.30 6.99 -21.28
C ALA B 241 8.16 7.63 -20.49
N LEU B 242 8.53 8.41 -19.49
CA LEU B 242 7.58 9.06 -18.61
C LEU B 242 7.15 10.45 -19.08
N LEU B 243 8.11 11.35 -19.30
CA LEU B 243 7.83 12.71 -19.76
C LEU B 243 7.43 12.87 -21.21
N GLY B 244 7.79 11.92 -22.07
CA GLY B 244 7.49 12.06 -23.48
C GLY B 244 8.51 12.96 -24.21
N ILE B 245 8.43 12.97 -25.52
CA ILE B 245 9.34 13.82 -26.29
C ILE B 245 8.68 14.97 -27.05
N ARG B 246 7.42 15.28 -26.68
CA ARG B 246 6.70 16.40 -27.28
C ARG B 246 7.09 17.57 -26.41
N SER B 247 7.27 18.74 -27.04
CA SER B 247 7.69 19.95 -26.31
C SER B 247 6.60 20.59 -25.45
N TRP B 248 6.99 21.46 -24.50
CA TRP B 248 5.99 22.12 -23.68
C TRP B 248 5.05 22.99 -24.50
N GLN B 249 5.61 23.63 -25.56
CA GLN B 249 4.84 24.48 -26.48
C GLN B 249 3.74 23.71 -27.19
N THR B 250 4.05 22.48 -27.61
CA THR B 250 3.08 21.63 -28.31
C THR B 250 1.89 21.38 -27.40
N ARG B 251 2.21 21.07 -26.15
CA ARG B 251 1.16 20.83 -25.20
C ARG B 251 0.27 22.09 -24.99
N ALA B 252 0.93 23.27 -24.72
CA ALA B 252 0.23 24.53 -24.49
C ALA B 252 -0.65 24.94 -25.67
N LEU B 253 -0.17 24.63 -26.87
CA LEU B 253 -0.94 24.97 -28.04
C LEU B 253 -2.28 24.22 -28.11
N LEU B 254 -2.37 23.07 -27.45
CA LEU B 254 -3.65 22.36 -27.45
C LEU B 254 -4.66 23.24 -26.70
N ILE B 255 -4.15 24.08 -25.80
CA ILE B 255 -5.06 24.95 -25.08
C ILE B 255 -5.70 25.96 -26.03
N LYS B 256 -4.85 26.59 -26.84
CA LYS B 256 -5.36 27.57 -27.75
C LYS B 256 -6.29 26.92 -28.77
N ALA B 257 -5.97 25.69 -29.16
CA ALA B 257 -6.79 24.99 -30.14
C ALA B 257 -8.22 24.78 -29.70
N LEU B 258 -8.40 24.37 -28.43
CA LEU B 258 -9.73 24.16 -27.91
C LEU B 258 -10.41 25.49 -27.71
N ILE B 259 -9.63 26.52 -27.41
CA ILE B 259 -10.28 27.82 -27.25
C ILE B 259 -10.86 28.21 -28.59
N ASP B 260 -9.98 28.10 -29.59
CA ASP B 260 -10.34 28.41 -30.96
C ASP B 260 -11.58 27.67 -31.47
N GLN B 261 -11.92 26.53 -30.86
CA GLN B 261 -13.09 25.74 -31.26
C GLN B 261 -14.34 26.07 -30.44
N GLY B 262 -14.19 27.05 -29.54
CA GLY B 262 -15.29 27.48 -28.70
C GLY B 262 -15.44 26.68 -27.43
N TYR B 263 -14.36 26.12 -26.90
CA TYR B 263 -14.54 25.38 -25.67
C TYR B 263 -13.77 25.90 -24.51
N MET B 264 -13.62 27.18 -24.44
CA MET B 264 -12.86 27.67 -23.32
C MET B 264 -13.41 27.32 -21.97
N LYS B 265 -14.74 27.20 -21.91
CA LYS B 265 -15.39 26.92 -20.64
C LYS B 265 -15.15 25.50 -20.17
N GLN B 266 -14.62 24.68 -21.07
CA GLN B 266 -14.38 23.27 -20.75
C GLN B 266 -12.93 22.94 -20.50
N ILE B 267 -12.07 23.95 -20.45
CA ILE B 267 -10.65 23.70 -20.28
C ILE B 267 -10.16 23.89 -18.86
N LEU B 268 -9.30 22.95 -18.41
CA LEU B 268 -8.63 23.00 -17.07
C LEU B 268 -7.12 22.76 -17.29
N VAL B 269 -6.29 23.66 -16.76
CA VAL B 269 -4.84 23.55 -16.94
C VAL B 269 -4.05 23.40 -15.63
N SER B 270 -2.99 22.60 -15.69
CA SER B 270 -2.13 22.35 -14.53
C SER B 270 -0.72 21.93 -15.00
N ASN B 271 0.16 21.66 -14.03
CA ASN B 271 1.54 21.26 -14.29
C ASN B 271 1.78 19.78 -14.00
N ASP B 272 0.92 19.21 -13.18
CA ASP B 272 1.11 17.82 -12.76
C ASP B 272 2.49 17.73 -12.07
N TRP B 273 2.82 18.72 -11.29
CA TRP B 273 4.11 18.74 -10.59
C TRP B 273 4.11 18.00 -9.23
N THR B 274 5.29 17.84 -8.60
CA THR B 274 5.44 17.17 -7.31
C THR B 274 6.76 17.59 -6.63
N PHE B 275 6.92 17.37 -5.34
CA PHE B 275 8.17 17.70 -4.61
C PHE B 275 8.91 16.44 -4.17
N GLY B 276 8.23 15.29 -4.30
CA GLY B 276 8.75 13.99 -3.95
C GLY B 276 8.19 12.97 -4.92
N PHE B 277 8.96 11.92 -5.26
CA PHE B 277 8.47 10.92 -6.23
C PHE B 277 9.15 9.55 -6.07
N SER B 278 8.52 8.66 -5.28
CA SER B 278 9.06 7.31 -5.02
C SER B 278 8.47 6.17 -5.85
N SER B 279 7.31 6.46 -6.45
CA SER B 279 6.63 5.47 -7.26
C SER B 279 7.23 5.32 -8.67
N TYR B 280 8.47 5.74 -8.82
CA TYR B 280 9.20 5.64 -10.09
C TYR B 280 10.69 5.35 -9.85
N VAL B 281 11.51 5.45 -10.89
CA VAL B 281 12.93 5.25 -10.70
C VAL B 281 13.49 6.24 -9.66
N THR B 282 14.53 5.82 -8.98
CA THR B 282 15.18 6.65 -7.98
C THR B 282 15.82 7.79 -8.73
N ASN B 283 15.75 8.96 -8.17
CA ASN B 283 16.39 10.06 -8.86
C ASN B 283 15.61 10.76 -9.96
N ILE B 284 14.39 10.27 -10.20
CA ILE B 284 13.51 10.88 -11.18
C ILE B 284 13.30 12.35 -10.80
N MET B 285 13.11 12.66 -9.51
CA MET B 285 12.93 14.07 -9.11
C MET B 285 13.99 15.01 -9.63
N ASP B 286 15.26 14.62 -9.48
CA ASP B 286 16.36 15.43 -9.96
C ASP B 286 16.24 15.77 -11.43
N VAL B 287 15.93 14.77 -12.19
CA VAL B 287 15.76 14.96 -13.60
C VAL B 287 14.65 16.01 -13.85
N MET B 288 13.52 15.86 -13.17
CA MET B 288 12.41 16.78 -13.37
C MET B 288 12.73 18.18 -12.97
N ASP B 289 13.39 18.30 -11.84
CA ASP B 289 13.73 19.63 -11.39
C ASP B 289 14.71 20.36 -12.31
N ARG B 290 15.40 19.58 -13.12
CA ARG B 290 16.34 20.10 -14.11
C ARG B 290 15.55 20.65 -15.27
N VAL B 291 14.56 19.87 -15.67
CA VAL B 291 13.69 20.19 -16.76
C VAL B 291 12.81 21.40 -16.50
N ASN B 292 12.32 21.60 -15.26
CA ASN B 292 11.44 22.72 -14.96
C ASN B 292 11.63 23.24 -13.55
N PRO B 293 12.58 24.11 -13.49
CA PRO B 293 13.03 24.80 -12.29
C PRO B 293 11.98 25.66 -11.62
N ASP B 294 11.01 26.01 -12.44
CA ASP B 294 9.89 26.84 -12.03
C ASP B 294 8.88 26.06 -11.23
N GLY B 295 8.92 24.75 -11.39
CA GLY B 295 8.00 23.98 -10.61
C GLY B 295 6.54 24.34 -10.93
N MET B 296 5.71 24.49 -9.89
CA MET B 296 4.29 24.81 -10.15
C MET B 296 4.03 26.24 -10.66
N ALA B 297 5.07 27.08 -10.69
CA ALA B 297 4.93 28.48 -11.19
C ALA B 297 5.04 28.51 -12.71
N PHE B 298 5.32 27.35 -13.29
CA PHE B 298 5.48 27.26 -14.73
C PHE B 298 4.26 27.80 -15.46
N ILE B 299 3.07 27.37 -15.05
CA ILE B 299 1.87 27.87 -15.71
C ILE B 299 1.81 29.40 -15.76
N PRO B 300 1.83 30.08 -14.61
CA PRO B 300 1.74 31.53 -14.60
C PRO B 300 2.90 32.27 -15.24
N LEU B 301 4.10 31.77 -14.99
CA LEU B 301 5.31 32.38 -15.49
C LEU B 301 5.60 32.20 -16.96
N ARG B 302 5.27 31.06 -17.53
CA ARG B 302 5.57 30.80 -18.94
C ARG B 302 4.40 30.51 -19.87
N VAL B 303 3.44 29.70 -19.43
CA VAL B 303 2.31 29.37 -20.28
C VAL B 303 1.37 30.56 -20.56
N ILE B 304 0.96 31.36 -19.52
CA ILE B 304 0.07 32.51 -19.72
C ILE B 304 0.66 33.54 -20.71
N PRO B 305 1.93 33.88 -20.52
CA PRO B 305 2.54 34.86 -21.39
C PRO B 305 2.66 34.38 -22.81
N PHE B 306 2.99 33.11 -22.90
CA PHE B 306 3.13 32.49 -24.18
C PHE B 306 1.80 32.55 -24.90
N LEU B 307 0.75 32.25 -24.16
CA LEU B 307 -0.55 32.22 -24.78
C LEU B 307 -1.03 33.60 -25.14
N ARG B 308 -0.78 34.53 -24.26
CA ARG B 308 -1.20 35.90 -24.51
C ARG B 308 -0.54 36.33 -25.83
N GLU B 309 0.72 35.97 -25.91
CA GLU B 309 1.57 36.22 -27.04
C GLU B 309 1.13 35.56 -28.33
N LYS B 310 0.37 34.47 -28.23
CA LYS B 310 -0.14 33.81 -29.41
C LYS B 310 -1.51 34.39 -29.70
N GLY B 311 -1.87 35.45 -28.99
CA GLY B 311 -3.13 36.07 -29.27
C GLY B 311 -4.27 35.75 -28.33
N VAL B 312 -4.02 35.08 -27.23
CA VAL B 312 -5.19 34.84 -26.39
C VAL B 312 -5.41 36.03 -25.47
N PRO B 313 -6.63 36.56 -25.42
CA PRO B 313 -6.91 37.70 -24.56
C PRO B 313 -6.71 37.32 -23.12
N GLN B 314 -6.21 38.30 -22.36
CA GLN B 314 -5.94 38.12 -20.95
C GLN B 314 -7.16 37.67 -20.22
N GLU B 315 -8.26 38.23 -20.65
CA GLU B 315 -9.55 37.98 -20.09
C GLU B 315 -9.91 36.50 -20.12
N THR B 316 -9.63 35.86 -21.28
CA THR B 316 -9.92 34.44 -21.51
C THR B 316 -9.06 33.59 -20.60
N LEU B 317 -7.80 34.03 -20.47
CA LEU B 317 -6.80 33.39 -19.63
C LEU B 317 -7.31 33.35 -18.17
N ALA B 318 -7.87 34.46 -17.73
CA ALA B 318 -8.42 34.59 -16.40
C ALA B 318 -9.63 33.66 -16.22
N GLY B 319 -10.37 33.46 -17.29
CA GLY B 319 -11.54 32.61 -17.22
C GLY B 319 -11.13 31.17 -16.98
N ILE B 320 -10.09 30.80 -17.67
CA ILE B 320 -9.63 29.44 -17.57
C ILE B 320 -8.99 29.13 -16.24
N THR B 321 -8.15 30.04 -15.71
CA THR B 321 -7.45 29.78 -14.45
C THR B 321 -8.20 30.10 -13.16
N VAL B 322 -9.29 30.86 -13.31
CA VAL B 322 -10.10 31.27 -12.15
C VAL B 322 -11.51 30.73 -12.23
N THR B 323 -12.16 31.15 -13.28
CA THR B 323 -13.56 30.80 -13.53
C THR B 323 -13.93 29.32 -13.64
N ASN B 324 -13.29 28.63 -14.62
CA ASN B 324 -13.57 27.21 -14.88
C ASN B 324 -13.40 26.33 -13.67
N PRO B 325 -12.29 26.51 -12.95
CA PRO B 325 -12.06 25.74 -11.74
C PRO B 325 -13.09 26.02 -10.66
N ALA B 326 -13.45 27.29 -10.45
CA ALA B 326 -14.43 27.59 -9.42
C ALA B 326 -15.74 26.84 -9.68
N ARG B 327 -16.17 26.78 -10.92
CA ARG B 327 -17.37 26.06 -11.32
C ARG B 327 -17.24 24.54 -11.18
N PHE B 328 -16.09 24.00 -11.55
CA PHE B 328 -15.88 22.55 -11.47
C PHE B 328 -15.88 22.08 -10.02
N LEU B 329 -15.15 22.83 -9.16
CA LEU B 329 -15.00 22.51 -7.77
C LEU B 329 -16.24 22.75 -6.94
N SER B 330 -17.11 23.67 -7.31
CA SER B 330 -18.31 23.87 -6.49
C SER B 330 -19.14 22.62 -6.41
N PRO B 331 -19.35 22.06 -5.20
CA PRO B 331 -20.15 20.84 -5.04
C PRO B 331 -21.52 21.05 -5.66
N THR B 332 -21.84 20.26 -6.68
CA THR B 332 -23.06 20.40 -7.45
C THR B 332 -23.93 19.15 -7.51
N LEU B 333 -25.04 19.29 -6.83
CA LEU B 333 -26.04 18.24 -6.76
C LEU B 333 -26.95 18.22 -8.01
N ARG B 334 -27.22 17.02 -8.50
CA ARG B 334 -28.06 16.82 -9.68
C ARG B 334 -29.50 17.33 -9.49
N ALA B 335 -30.04 17.95 -10.53
CA ALA B 335 -31.39 18.46 -10.43
C ALA B 335 -32.40 17.33 -10.42
#